data_3C2Q
#
_entry.id   3C2Q
#
_cell.length_a   119.592
_cell.length_b   119.592
_cell.length_c   161.737
_cell.angle_alpha   90.00
_cell.angle_beta   90.00
_cell.angle_gamma   90.00
#
_symmetry.space_group_name_H-M   'P 41 21 2'
#
loop_
_entity.id
_entity.type
_entity.pdbx_description
1 polymer 'Uncharacterized conserved protein'
2 non-polymer 'NICKEL (II) ION'
3 non-polymer IMIDAZOLE
4 water water
#
_entity_poly.entity_id   1
_entity_poly.type   'polypeptide(L)'
_entity_poly.pdbx_seq_one_letter_code
;SNANIPEIENANLKPALKDSVLPDGFYSTTNHPTHVKVNDEWIEVANPK(MSE)DAVIVVYPEEKRAETKVIRKVKKGDF
VLIGHNGIRV(MSE)PPEKSREAGQLFEF(MSE)NSEVSSEKPKEAIIKRIAKE(MSE)HEIREEYKKTGTGGIAIVGGP
AIIHTGGGPALAK(MSE)VELGYIQAILAGNALATHDIESALYGTSLGVNIKTAKPVTGGHKHHIYAINAINDAGNIKNA
VESGVLKEGI(MSE)YQCIKNNIPYVLAGSIRDDGPIPDVITDS(MSE)VAQDK(MSE)RTTV(MSE)DKK(MSE)VI
(MSE)LSTLLHSVATGNL(MSE)PSYIKTVCVDIQPSTVTKL(MSE)DRGTSQAIGVVTDVGVFLVLLLKELERLELQE
;
_entity_poly.pdbx_strand_id   A,B
#
loop_
_chem_comp.id
_chem_comp.type
_chem_comp.name
_chem_comp.formula
IMD non-polymer IMIDAZOLE 'C3 H5 N2 1'
NI non-polymer 'NICKEL (II) ION' 'Ni 2'
#
# COMPACT_ATOMS: atom_id res chain seq x y z
N ALA A 3 -36.58 -0.44 37.99
CA ALA A 3 -35.11 -0.67 37.90
C ALA A 3 -34.60 -0.36 36.51
N ASN A 4 -33.45 0.29 36.45
CA ASN A 4 -32.84 0.59 35.17
C ASN A 4 -31.64 -0.33 35.00
N ILE A 5 -31.69 -1.17 33.97
CA ILE A 5 -30.64 -2.12 33.68
C ILE A 5 -30.25 -1.84 32.25
N PRO A 6 -29.18 -1.06 32.04
CA PRO A 6 -28.72 -0.63 30.73
C PRO A 6 -28.74 -1.69 29.65
N GLU A 7 -28.22 -2.89 29.95
CA GLU A 7 -28.19 -4.01 29.00
C GLU A 7 -29.53 -4.27 28.30
N ILE A 8 -30.62 -4.08 29.04
CA ILE A 8 -31.94 -4.43 28.52
C ILE A 8 -32.87 -3.23 28.38
N GLU A 9 -32.31 -2.03 28.53
CA GLU A 9 -32.97 -0.81 28.11
C GLU A 9 -32.91 -0.68 26.60
N ASN A 10 -33.92 -0.03 26.01
CA ASN A 10 -33.88 0.35 24.59
C ASN A 10 -32.67 1.23 24.31
N ALA A 11 -32.00 0.93 23.20
CA ALA A 11 -30.81 1.66 22.79
C ALA A 11 -31.14 3.11 22.52
N ASN A 12 -30.20 3.99 22.83
CA ASN A 12 -30.29 5.37 22.36
C ASN A 12 -29.70 5.59 20.97
N LEU A 13 -30.41 6.36 20.14
CA LEU A 13 -29.99 6.68 18.78
C LEU A 13 -29.92 8.18 18.55
N LYS A 14 -29.00 8.60 17.67
CA LYS A 14 -28.94 10.00 17.23
C LYS A 14 -28.72 10.09 15.73
N PRO A 15 -29.46 11.00 15.06
CA PRO A 15 -29.31 11.12 13.61
C PRO A 15 -27.99 11.80 13.30
N ALA A 16 -27.27 11.28 12.30
CA ALA A 16 -26.06 11.95 11.86
C ALA A 16 -26.45 13.31 11.31
N LEU A 17 -25.70 14.34 11.66
CA LEU A 17 -25.99 15.72 11.23
C LEU A 17 -25.42 16.05 9.85
N LYS A 18 -24.45 15.26 9.39
CA LYS A 18 -23.81 15.44 8.08
C LYS A 18 -23.37 14.06 7.62
N ASP A 19 -23.21 13.89 6.30
CA ASP A 19 -22.59 12.68 5.75
C ASP A 19 -21.22 12.50 6.44
N SER A 20 -20.93 11.30 6.89
CA SER A 20 -19.60 10.95 7.41
C SER A 20 -19.24 11.67 8.72
N VAL A 21 -20.23 12.23 9.41
CA VAL A 21 -19.96 12.83 10.72
C VAL A 21 -20.76 12.09 11.78
N LEU A 22 -20.06 11.54 12.76
CA LEU A 22 -20.70 10.70 13.77
C LEU A 22 -21.16 11.60 14.92
N PRO A 23 -22.40 11.41 15.39
CA PRO A 23 -22.88 12.19 16.55
C PRO A 23 -22.14 11.88 17.84
N ASP A 24 -21.98 12.88 18.70
CA ASP A 24 -21.35 12.67 20.02
C ASP A 24 -21.93 11.47 20.74
N GLY A 25 -21.07 10.65 21.32
CA GLY A 25 -21.48 9.47 22.10
C GLY A 25 -21.60 8.19 21.26
N PHE A 26 -21.29 8.28 19.97
CA PHE A 26 -21.39 7.11 19.08
C PHE A 26 -20.69 5.90 19.69
N TYR A 27 -21.31 4.75 19.52
CA TYR A 27 -20.73 3.47 19.92
C TYR A 27 -19.76 2.96 18.83
N SER A 28 -18.52 2.63 19.25
CA SER A 28 -17.52 2.03 18.36
C SER A 28 -17.67 0.51 18.41
N THR A 29 -17.86 -0.12 17.25
CA THR A 29 -18.13 -1.57 17.25
C THR A 29 -16.88 -2.41 17.54
N THR A 30 -17.11 -3.59 18.14
CA THR A 30 -16.12 -4.66 18.12
C THR A 30 -16.23 -5.36 16.75
N ASN A 31 -15.44 -6.42 16.56
CA ASN A 31 -15.56 -7.27 15.37
C ASN A 31 -16.55 -8.44 15.60
N HIS A 32 -17.25 -8.41 16.74
CA HIS A 32 -18.15 -9.48 17.20
C HIS A 32 -19.58 -9.29 16.72
N PRO A 33 -20.30 -10.41 16.50
CA PRO A 33 -21.75 -10.32 16.24
C PRO A 33 -22.38 -9.45 17.34
N THR A 34 -23.11 -8.42 16.93
CA THR A 34 -23.74 -7.51 17.92
C THR A 34 -25.26 -7.47 17.71
N HIS A 35 -25.99 -7.32 18.82
CA HIS A 35 -27.45 -7.17 18.88
C HIS A 35 -27.82 -5.85 19.58
N VAL A 36 -28.85 -5.17 19.09
CA VAL A 36 -29.30 -3.91 19.69
C VAL A 36 -30.81 -3.98 19.97
N LYS A 37 -31.23 -3.44 21.11
CA LYS A 37 -32.65 -3.45 21.50
C LYS A 37 -33.33 -2.18 21.02
N VAL A 38 -34.32 -2.35 20.14
CA VAL A 38 -35.00 -1.23 19.54
C VAL A 38 -36.51 -1.48 19.67
N ASN A 39 -37.24 -0.49 20.19
CA ASN A 39 -38.68 -0.64 20.44
C ASN A 39 -38.99 -2.00 21.06
N ASP A 40 -38.26 -2.33 22.11
CA ASP A 40 -38.50 -3.51 22.96
C ASP A 40 -38.20 -4.85 22.31
N GLU A 41 -37.59 -4.81 21.14
CA GLU A 41 -37.17 -6.02 20.44
C GLU A 41 -35.68 -6.00 20.05
N TRP A 42 -35.01 -7.12 20.30
CA TRP A 42 -33.60 -7.29 19.92
C TRP A 42 -33.42 -7.48 18.42
N ILE A 43 -32.63 -6.58 17.83
CA ILE A 43 -32.28 -6.61 16.42
C ILE A 43 -30.85 -7.15 16.26
N GLU A 44 -30.68 -8.08 15.33
CA GLU A 44 -29.37 -8.63 15.05
C GLU A 44 -28.69 -7.70 14.04
N VAL A 45 -27.52 -7.17 14.41
CA VAL A 45 -26.87 -6.13 13.59
C VAL A 45 -26.11 -6.83 12.45
N ALA A 46 -26.40 -6.43 11.22
CA ALA A 46 -25.79 -7.05 10.05
C ALA A 46 -24.32 -6.64 9.89
N ASN A 47 -23.52 -7.62 9.45
CA ASN A 47 -22.17 -7.42 8.92
C ASN A 47 -21.18 -6.98 10.00
N PRO A 48 -20.95 -7.82 11.02
CA PRO A 48 -20.06 -7.35 12.07
C PRO A 48 -18.68 -6.94 11.52
N LYS A 49 -18.14 -5.87 12.09
CA LYS A 49 -16.89 -5.27 11.66
C LYS A 49 -16.48 -4.33 12.78
N MSE A 50 -15.21 -4.35 13.14
CA MSE A 50 -14.64 -3.43 14.12
C MSE A 50 -14.50 -2.02 13.56
O MSE A 50 -14.51 -1.83 12.34
CB MSE A 50 -13.27 -3.91 14.55
CG MSE A 50 -12.22 -3.79 13.46
SE MSE A 50 -10.49 -4.51 14.06
CE MSE A 50 -10.83 -4.79 15.99
N ASP A 51 -14.31 -1.04 14.46
CA ASP A 51 -14.02 0.34 14.06
C ASP A 51 -15.10 0.88 13.14
N ALA A 52 -16.34 0.61 13.50
CA ALA A 52 -17.47 1.17 12.78
C ALA A 52 -18.54 1.62 13.77
N VAL A 53 -19.64 2.16 13.25
CA VAL A 53 -20.80 2.46 14.09
C VAL A 53 -21.95 1.56 13.65
N ILE A 54 -23.03 1.59 14.41
CA ILE A 54 -24.21 0.83 14.07
C ILE A 54 -25.30 1.81 13.69
N VAL A 55 -25.84 1.66 12.48
CA VAL A 55 -26.96 2.46 11.99
C VAL A 55 -28.25 1.65 12.11
N VAL A 56 -29.30 2.27 12.65
CA VAL A 56 -30.54 1.55 12.96
C VAL A 56 -31.67 2.08 12.07
N TYR A 57 -32.51 1.15 11.62
CA TYR A 57 -33.67 1.45 10.79
C TYR A 57 -34.89 0.93 11.57
N PRO A 58 -35.38 1.72 12.55
CA PRO A 58 -36.35 1.16 13.51
C PRO A 58 -37.63 0.62 12.86
N GLU A 59 -38.10 1.31 11.82
CA GLU A 59 -39.36 0.96 11.17
C GLU A 59 -39.21 -0.27 10.27
N GLU A 60 -37.97 -0.56 9.87
CA GLU A 60 -37.68 -1.80 9.15
C GLU A 60 -37.24 -2.93 10.06
N LYS A 61 -37.20 -2.67 11.38
CA LYS A 61 -36.66 -3.60 12.38
C LYS A 61 -35.32 -4.22 11.95
N ARG A 62 -34.44 -3.38 11.43
CA ARG A 62 -33.12 -3.84 11.02
C ARG A 62 -32.03 -2.83 11.41
N ALA A 63 -30.79 -3.30 11.39
CA ALA A 63 -29.61 -2.53 11.80
C ALA A 63 -28.40 -3.11 11.09
N GLU A 64 -27.46 -2.23 10.74
CA GLU A 64 -26.22 -2.68 10.13
C GLU A 64 -24.98 -1.92 10.62
N THR A 65 -23.83 -2.55 10.49
CA THR A 65 -22.55 -1.91 10.77
C THR A 65 -22.20 -0.99 9.60
N LYS A 66 -21.89 0.27 9.88
CA LYS A 66 -21.42 1.18 8.85
C LYS A 66 -20.10 1.84 9.27
N VAL A 67 -19.10 1.75 8.42
CA VAL A 67 -17.89 2.54 8.66
C VAL A 67 -18.24 4.00 8.43
N ILE A 68 -17.47 4.89 9.04
CA ILE A 68 -17.75 6.32 9.03
C ILE A 68 -18.02 6.91 7.63
N ARG A 69 -17.22 6.49 6.63
CA ARG A 69 -17.32 7.06 5.29
C ARG A 69 -18.67 6.75 4.61
N LYS A 70 -19.37 5.72 5.10
CA LYS A 70 -20.68 5.34 4.55
C LYS A 70 -21.87 5.90 5.39
N VAL A 71 -21.58 6.58 6.50
CA VAL A 71 -22.67 7.17 7.31
C VAL A 71 -23.27 8.35 6.56
N LYS A 72 -24.60 8.40 6.49
CA LYS A 72 -25.29 9.48 5.79
C LYS A 72 -26.10 10.37 6.76
N LYS A 73 -26.16 11.67 6.46
CA LYS A 73 -27.05 12.62 7.17
C LYS A 73 -28.44 12.01 7.39
N GLY A 74 -28.87 11.99 8.66
CA GLY A 74 -30.15 11.39 9.02
C GLY A 74 -30.12 9.97 9.53
N ASP A 75 -29.05 9.22 9.18
CA ASP A 75 -28.89 7.84 9.68
C ASP A 75 -28.97 7.82 11.20
N PHE A 76 -29.76 6.92 11.78
CA PHE A 76 -29.83 6.82 13.23
C PHE A 76 -28.65 5.99 13.73
N VAL A 77 -27.66 6.69 14.28
CA VAL A 77 -26.43 6.06 14.81
C VAL A 77 -26.65 5.68 16.26
N LEU A 78 -26.27 4.47 16.62
CA LEU A 78 -26.34 4.02 17.99
C LEU A 78 -25.34 4.78 18.87
N ILE A 79 -25.83 5.34 19.98
CA ILE A 79 -24.98 6.11 20.91
C ILE A 79 -25.13 5.53 22.28
N GLY A 80 -24.30 6.00 23.22
CA GLY A 80 -24.56 5.70 24.62
C GLY A 80 -24.25 4.27 25.02
N HIS A 81 -24.99 3.79 26.02
CA HIS A 81 -24.63 2.59 26.75
C HIS A 81 -25.79 1.60 26.96
N ASN A 82 -26.97 1.92 26.44
CA ASN A 82 -28.16 1.08 26.63
C ASN A 82 -28.40 0.12 25.46
N GLY A 83 -28.84 -1.10 25.76
CA GLY A 83 -29.43 -2.00 24.76
C GLY A 83 -28.42 -2.55 23.77
N ILE A 84 -27.21 -2.80 24.24
CA ILE A 84 -26.15 -3.30 23.34
C ILE A 84 -25.71 -4.66 23.85
N ARG A 85 -25.87 -5.68 23.02
CA ARG A 85 -25.44 -7.04 23.38
C ARG A 85 -24.41 -7.56 22.37
N VAL A 86 -23.21 -7.85 22.87
CA VAL A 86 -22.12 -8.33 22.02
C VAL A 86 -22.01 -9.84 22.22
N MSE A 87 -21.90 -10.58 21.12
CA MSE A 87 -21.86 -12.04 21.16
C MSE A 87 -20.54 -12.61 20.65
O MSE A 87 -20.46 -13.01 19.50
CB MSE A 87 -22.94 -12.60 20.25
CG MSE A 87 -23.81 -13.64 20.87
SE MSE A 87 -25.15 -12.71 21.96
CE MSE A 87 -25.55 -11.21 20.78
N PRO A 88 -19.50 -12.67 21.51
CA PRO A 88 -18.24 -13.25 20.98
C PRO A 88 -18.43 -14.74 20.67
N PRO A 89 -17.71 -15.27 19.64
CA PRO A 89 -17.77 -16.71 19.32
C PRO A 89 -17.24 -17.56 20.49
N GLU A 90 -17.78 -18.76 20.65
CA GLU A 90 -17.54 -19.59 21.84
C GLU A 90 -16.05 -19.73 22.27
N SER A 104 1.86 -18.23 22.74
CA SER A 104 1.28 -17.24 21.84
C SER A 104 2.24 -16.07 21.55
N GLU A 105 3.42 -16.08 22.16
CA GLU A 105 4.45 -15.08 21.88
C GLU A 105 4.93 -15.25 20.43
N VAL A 106 5.03 -14.14 19.69
CA VAL A 106 5.40 -14.22 18.26
C VAL A 106 6.90 -14.48 18.15
N SER A 107 7.26 -15.57 17.48
CA SER A 107 8.67 -15.90 17.29
C SER A 107 8.82 -16.83 16.10
N SER A 108 9.89 -16.64 15.34
CA SER A 108 10.25 -17.61 14.29
C SER A 108 10.86 -18.90 14.84
N GLU A 109 11.24 -18.94 16.12
CA GLU A 109 11.98 -20.07 16.68
C GLU A 109 10.99 -21.06 17.32
N LYS A 110 10.18 -21.68 16.47
CA LYS A 110 9.13 -22.64 16.87
C LYS A 110 9.14 -23.73 15.80
N PRO A 111 8.77 -24.99 16.16
CA PRO A 111 8.84 -26.12 15.22
C PRO A 111 7.94 -25.95 14.00
N LYS A 112 8.56 -25.80 12.82
CA LYS A 112 7.82 -25.31 11.64
C LYS A 112 7.14 -26.43 10.87
N GLU A 113 7.85 -27.53 10.64
CA GLU A 113 7.22 -28.70 9.98
C GLU A 113 5.95 -29.05 10.74
N ALA A 114 6.04 -29.05 12.07
CA ALA A 114 4.89 -29.40 12.91
C ALA A 114 3.70 -28.49 12.70
N ILE A 115 3.93 -27.17 12.72
CA ILE A 115 2.79 -26.24 12.56
C ILE A 115 2.19 -26.28 11.15
N ILE A 116 3.06 -26.48 10.17
CA ILE A 116 2.63 -26.62 8.76
C ILE A 116 1.74 -27.87 8.58
N LYS A 117 2.15 -28.98 9.18
CA LYS A 117 1.32 -30.19 9.18
C LYS A 117 -0.04 -29.93 9.80
N ARG A 118 -0.07 -29.22 10.92
CA ARG A 118 -1.31 -28.90 11.61
C ARG A 118 -2.20 -27.97 10.80
N ILE A 119 -1.58 -26.96 10.16
CA ILE A 119 -2.30 -26.10 9.21
C ILE A 119 -2.92 -26.89 8.05
N ALA A 120 -2.15 -27.81 7.43
CA ALA A 120 -2.63 -28.65 6.35
C ALA A 120 -3.85 -29.48 6.77
N LYS A 121 -3.79 -30.06 7.98
CA LYS A 121 -4.91 -30.83 8.52
C LYS A 121 -6.17 -29.97 8.63
N GLU A 122 -6.04 -28.79 9.24
CA GLU A 122 -7.13 -27.83 9.33
C GLU A 122 -7.70 -27.43 7.97
N MSE A 123 -6.83 -27.08 6.99
CA MSE A 123 -7.30 -26.77 5.65
C MSE A 123 -8.07 -27.93 5.01
O MSE A 123 -9.09 -27.70 4.34
CB MSE A 123 -6.13 -26.40 4.74
CG MSE A 123 -5.48 -25.09 5.10
SE MSE A 123 -3.87 -24.73 4.07
CE MSE A 123 -4.70 -24.60 2.29
N HIS A 124 -7.58 -29.14 5.20
CA HIS A 124 -8.23 -30.33 4.62
C HIS A 124 -9.65 -30.49 5.20
N GLU A 125 -9.80 -30.27 6.52
CA GLU A 125 -11.12 -30.35 7.16
C GLU A 125 -12.05 -29.26 6.68
N ILE A 126 -11.52 -28.04 6.54
CA ILE A 126 -12.31 -26.92 6.03
C ILE A 126 -12.74 -27.15 4.58
N ARG A 127 -11.84 -27.65 3.75
CA ARG A 127 -12.19 -27.93 2.35
C ARG A 127 -13.29 -29.02 2.26
N GLU A 128 -13.18 -30.07 3.08
CA GLU A 128 -14.18 -31.16 3.11
C GLU A 128 -15.58 -30.60 3.42
N GLU A 129 -15.65 -29.72 4.42
CA GLU A 129 -16.91 -29.12 4.80
C GLU A 129 -17.46 -28.20 3.72
N TYR A 130 -16.57 -27.46 3.03
CA TYR A 130 -16.98 -26.67 1.88
C TYR A 130 -17.55 -27.53 0.75
N LYS A 131 -16.92 -28.67 0.50
CA LYS A 131 -17.40 -29.60 -0.50
C LYS A 131 -18.81 -30.14 -0.12
N LYS A 132 -19.03 -30.47 1.15
CA LYS A 132 -20.34 -31.01 1.56
C LYS A 132 -21.46 -29.98 1.51
N THR A 133 -21.13 -28.75 1.91
CA THR A 133 -22.12 -27.70 2.17
C THR A 133 -22.18 -26.61 1.13
N GLY A 134 -21.10 -26.43 0.37
CA GLY A 134 -21.05 -25.37 -0.64
C GLY A 134 -20.85 -23.96 -0.12
N THR A 135 -20.64 -23.83 1.19
CA THR A 135 -20.40 -22.51 1.78
C THR A 135 -19.13 -22.58 2.66
N GLY A 136 -18.56 -21.43 3.00
CA GLY A 136 -17.43 -21.43 3.93
C GLY A 136 -16.13 -21.43 3.13
N GLY A 137 -15.24 -22.37 3.41
CA GLY A 137 -13.99 -22.41 2.68
C GLY A 137 -12.96 -21.35 3.07
N ILE A 138 -12.00 -21.13 2.17
CA ILE A 138 -10.75 -20.39 2.49
C ILE A 138 -10.50 -19.27 1.48
N ALA A 139 -10.19 -18.08 2.00
CA ALA A 139 -9.68 -16.99 1.19
C ALA A 139 -8.19 -16.81 1.46
N ILE A 140 -7.45 -16.44 0.43
CA ILE A 140 -6.01 -16.11 0.54
C ILE A 140 -5.87 -14.62 0.38
N VAL A 141 -5.10 -13.98 1.25
CA VAL A 141 -4.68 -12.62 0.99
C VAL A 141 -3.20 -12.74 0.57
N GLY A 142 -2.87 -12.27 -0.63
CA GLY A 142 -1.50 -12.56 -1.14
C GLY A 142 -0.85 -11.33 -1.74
N GLY A 143 0.46 -11.21 -1.55
CA GLY A 143 1.18 -10.15 -2.23
C GLY A 143 2.24 -10.79 -3.11
N PRO A 144 2.93 -9.95 -3.89
CA PRO A 144 3.84 -10.40 -4.92
C PRO A 144 5.05 -11.16 -4.39
N ALA A 145 5.39 -11.05 -3.09
CA ALA A 145 6.48 -11.88 -2.52
C ALA A 145 6.24 -13.38 -2.70
N ILE A 146 4.98 -13.78 -2.81
CA ILE A 146 4.65 -15.19 -3.09
C ILE A 146 5.35 -15.60 -4.39
N ILE A 147 5.32 -14.70 -5.38
CA ILE A 147 5.92 -14.98 -6.69
C ILE A 147 7.47 -14.84 -6.59
N HIS A 148 7.94 -13.72 -6.04
CA HIS A 148 9.41 -13.51 -5.94
C HIS A 148 10.15 -14.60 -5.20
N THR A 149 9.52 -15.20 -4.18
CA THR A 149 10.12 -16.28 -3.39
C THR A 149 9.94 -17.66 -4.00
N GLY A 150 9.28 -17.72 -5.15
CA GLY A 150 9.16 -19.01 -5.86
C GLY A 150 7.99 -19.84 -5.37
N GLY A 151 7.10 -19.21 -4.58
CA GLY A 151 5.92 -19.89 -4.02
C GLY A 151 4.69 -19.92 -4.94
N GLY A 152 4.80 -19.30 -6.11
CA GLY A 152 3.64 -19.13 -7.01
C GLY A 152 3.04 -20.48 -7.43
N PRO A 153 3.87 -21.40 -7.97
CA PRO A 153 3.39 -22.73 -8.36
C PRO A 153 2.70 -23.50 -7.23
N ALA A 154 3.25 -23.44 -6.02
CA ALA A 154 2.60 -24.09 -4.87
C ALA A 154 1.21 -23.53 -4.61
N LEU A 155 1.06 -22.20 -4.64
CA LEU A 155 -0.23 -21.60 -4.41
C LEU A 155 -1.18 -21.98 -5.57
N ALA A 156 -0.68 -21.96 -6.81
CA ALA A 156 -1.54 -22.32 -7.96
C ALA A 156 -2.09 -23.75 -7.81
N LYS A 157 -1.24 -24.66 -7.35
CA LYS A 157 -1.64 -26.06 -7.13
C LYS A 157 -2.70 -26.18 -6.03
N MSE A 158 -2.60 -25.35 -4.98
CA MSE A 158 -3.68 -25.29 -3.97
C MSE A 158 -5.01 -24.91 -4.57
O MSE A 158 -6.06 -25.50 -4.22
CB MSE A 158 -3.32 -24.37 -2.81
CG MSE A 158 -2.11 -24.90 -2.05
SE MSE A 158 -1.53 -23.65 -0.66
CE MSE A 158 0.35 -24.31 -0.57
N VAL A 159 -4.99 -23.91 -5.45
CA VAL A 159 -6.22 -23.50 -6.14
C VAL A 159 -6.75 -24.69 -6.99
N GLU A 160 -5.84 -25.35 -7.71
CA GLU A 160 -6.20 -26.46 -8.59
C GLU A 160 -6.82 -27.63 -7.80
N LEU A 161 -6.30 -27.87 -6.60
CA LEU A 161 -6.80 -28.93 -5.72
C LEU A 161 -8.09 -28.58 -4.97
N GLY A 162 -8.56 -27.34 -5.11
CA GLY A 162 -9.85 -26.97 -4.55
C GLY A 162 -9.81 -26.42 -3.13
N TYR A 163 -8.59 -26.07 -2.68
CA TYR A 163 -8.41 -25.49 -1.33
C TYR A 163 -8.80 -24.02 -1.17
N ILE A 164 -8.86 -23.31 -2.29
CA ILE A 164 -8.97 -21.87 -2.26
C ILE A 164 -10.27 -21.37 -2.91
N GLN A 165 -11.09 -20.64 -2.13
CA GLN A 165 -12.41 -20.18 -2.59
C GLN A 165 -12.42 -18.71 -2.98
N ALA A 166 -11.34 -18.01 -2.65
CA ALA A 166 -11.16 -16.64 -3.14
C ALA A 166 -9.73 -16.17 -2.95
N ILE A 167 -9.29 -15.26 -3.82
CA ILE A 167 -7.98 -14.60 -3.63
C ILE A 167 -8.13 -13.09 -3.61
N LEU A 168 -7.61 -12.45 -2.57
CA LEU A 168 -7.55 -11.02 -2.46
C LEU A 168 -6.10 -10.64 -2.66
N ALA A 169 -5.82 -9.78 -3.65
CA ALA A 169 -4.45 -9.43 -3.97
C ALA A 169 -4.46 -8.09 -4.64
N GLY A 170 -3.47 -7.84 -5.48
CA GLY A 170 -3.39 -6.54 -6.15
C GLY A 170 -2.72 -6.74 -7.49
N ASN A 171 -2.36 -5.64 -8.13
CA ASN A 171 -1.83 -5.70 -9.48
C ASN A 171 -0.52 -6.51 -9.53
N ALA A 172 0.33 -6.36 -8.51
CA ALA A 172 1.65 -6.98 -8.60
C ALA A 172 1.64 -8.50 -8.56
N LEU A 173 0.85 -9.06 -7.64
CA LEU A 173 0.75 -10.51 -7.59
C LEU A 173 0.28 -11.05 -8.96
N ALA A 174 -0.75 -10.45 -9.51
CA ALA A 174 -1.33 -10.91 -10.77
C ALA A 174 -0.33 -10.75 -11.90
N THR A 175 0.30 -9.58 -11.98
CA THR A 175 1.30 -9.27 -13.00
C THR A 175 2.47 -10.23 -12.98
N HIS A 176 3.02 -10.52 -11.79
CA HIS A 176 4.21 -11.35 -11.79
C HIS A 176 3.88 -12.83 -11.91
N ASP A 177 2.70 -13.22 -11.44
CA ASP A 177 2.19 -14.58 -11.70
C ASP A 177 2.05 -14.78 -13.24
N ILE A 178 1.47 -13.79 -13.91
CA ILE A 178 1.32 -13.85 -15.37
C ILE A 178 2.68 -13.76 -16.11
N GLU A 179 3.56 -12.86 -15.66
CA GLU A 179 4.96 -12.84 -16.16
C GLU A 179 5.65 -14.20 -16.03
N SER A 180 5.48 -14.90 -14.90
CA SER A 180 6.02 -16.22 -14.74
C SER A 180 5.50 -17.19 -15.79
N ALA A 181 4.17 -17.16 -16.02
CA ALA A 181 3.47 -18.04 -16.98
C ALA A 181 4.15 -17.75 -18.34
N LEU A 182 4.35 -16.50 -18.75
CA LEU A 182 4.36 -16.11 -20.17
C LEU A 182 5.90 -16.20 -20.46
N TYR A 183 6.71 -15.76 -19.48
CA TYR A 183 8.16 -15.55 -19.71
C TYR A 183 9.08 -16.29 -18.78
N GLY A 184 8.53 -17.04 -17.82
CA GLY A 184 9.34 -17.74 -16.84
C GLY A 184 10.00 -16.90 -15.73
N THR A 185 9.69 -15.61 -15.66
CA THR A 185 10.38 -14.71 -14.75
C THR A 185 9.39 -13.92 -13.82
N SER A 186 9.92 -13.38 -12.72
CA SER A 186 9.22 -12.36 -11.93
C SER A 186 10.17 -11.18 -11.84
N LEU A 187 9.78 -10.00 -12.32
CA LEU A 187 10.74 -8.85 -12.43
C LEU A 187 12.04 -9.28 -13.08
N GLY A 188 11.92 -10.16 -14.08
CA GLY A 188 13.09 -10.52 -14.85
C GLY A 188 13.97 -11.59 -14.26
N VAL A 189 13.58 -12.14 -13.11
CA VAL A 189 14.33 -13.22 -12.49
C VAL A 189 13.68 -14.53 -12.82
N ASN A 190 14.45 -15.46 -13.40
CA ASN A 190 13.88 -16.76 -13.76
C ASN A 190 13.49 -17.55 -12.51
N ILE A 191 12.22 -17.99 -12.44
CA ILE A 191 11.70 -18.69 -11.22
C ILE A 191 12.37 -20.04 -11.01
N LYS A 192 12.58 -20.78 -12.09
CA LYS A 192 13.15 -22.12 -11.95
C LYS A 192 14.64 -22.12 -11.63
N THR A 193 15.38 -21.09 -12.04
CA THR A 193 16.82 -21.08 -11.73
C THR A 193 17.30 -20.01 -10.73
N ALA A 194 16.43 -19.03 -10.42
CA ALA A 194 16.78 -17.86 -9.60
C ALA A 194 17.84 -16.95 -10.21
N LYS A 195 18.08 -17.10 -11.51
CA LYS A 195 19.02 -16.25 -12.24
C LYS A 195 18.30 -15.16 -13.03
N PRO A 196 18.90 -13.97 -13.08
CA PRO A 196 18.28 -12.91 -13.85
C PRO A 196 18.44 -13.20 -15.35
N VAL A 197 17.45 -12.78 -16.12
CA VAL A 197 17.46 -12.93 -17.58
C VAL A 197 17.86 -11.58 -18.14
N THR A 198 18.81 -11.58 -19.08
CA THR A 198 19.24 -10.34 -19.72
C THR A 198 18.07 -9.59 -20.36
N GLY A 199 17.94 -8.31 -20.07
CA GLY A 199 16.81 -7.53 -20.56
C GLY A 199 15.49 -7.86 -19.84
N GLY A 200 15.55 -8.67 -18.79
CA GLY A 200 14.36 -9.11 -18.06
C GLY A 200 13.54 -8.00 -17.41
N HIS A 201 14.12 -6.82 -17.22
CA HIS A 201 13.35 -5.72 -16.61
C HIS A 201 12.06 -5.38 -17.37
N LYS A 202 12.01 -5.74 -18.66
CA LYS A 202 10.84 -5.37 -19.48
C LYS A 202 9.72 -6.40 -19.38
N HIS A 203 10.04 -7.59 -18.89
CA HIS A 203 9.11 -8.72 -18.94
C HIS A 203 7.77 -8.42 -18.28
N HIS A 204 7.76 -7.77 -17.11
CA HIS A 204 6.48 -7.49 -16.43
C HIS A 204 5.60 -6.51 -17.18
N ILE A 205 6.20 -5.51 -17.85
CA ILE A 205 5.43 -4.60 -18.68
C ILE A 205 4.91 -5.29 -19.95
N TYR A 206 5.73 -6.19 -20.52
CA TYR A 206 5.22 -7.07 -21.59
C TYR A 206 4.06 -7.94 -21.13
N ALA A 207 4.11 -8.45 -19.89
CA ALA A 207 2.98 -9.23 -19.36
C ALA A 207 1.69 -8.41 -19.25
N ILE A 208 1.81 -7.20 -18.71
CA ILE A 208 0.70 -6.25 -18.63
C ILE A 208 0.17 -5.97 -20.04
N ASN A 209 1.06 -5.68 -20.96
CA ASN A 209 0.63 -5.43 -22.36
C ASN A 209 -0.16 -6.60 -22.98
N ALA A 210 0.31 -7.82 -22.74
CA ALA A 210 -0.31 -9.04 -23.21
C ALA A 210 -1.72 -9.19 -22.67
N ILE A 211 -1.94 -8.86 -21.38
CA ILE A 211 -3.29 -8.89 -20.82
C ILE A 211 -4.16 -7.75 -21.36
N ASN A 212 -3.58 -6.56 -21.52
CA ASN A 212 -4.31 -5.43 -22.09
C ASN A 212 -4.83 -5.78 -23.51
N ASP A 213 -3.99 -6.46 -24.27
CA ASP A 213 -4.34 -6.91 -25.62
C ASP A 213 -5.42 -7.99 -25.58
N ALA A 214 -5.32 -8.95 -24.65
CA ALA A 214 -6.35 -9.97 -24.51
C ALA A 214 -7.69 -9.35 -24.05
N GLY A 215 -7.59 -8.29 -23.26
CA GLY A 215 -8.77 -7.56 -22.79
C GLY A 215 -8.90 -7.61 -21.27
N ASN A 216 -8.57 -8.77 -20.70
CA ASN A 216 -8.60 -9.01 -19.24
C ASN A 216 -8.05 -10.41 -19.05
N ILE A 217 -7.90 -10.80 -17.79
CA ILE A 217 -7.36 -12.13 -17.46
C ILE A 217 -8.24 -13.28 -17.96
N LYS A 218 -9.56 -13.18 -17.78
CA LYS A 218 -10.47 -14.21 -18.26
C LYS A 218 -10.27 -14.51 -19.76
N ASN A 219 -10.21 -13.46 -20.55
CA ASN A 219 -9.99 -13.57 -22.03
C ASN A 219 -8.65 -14.20 -22.33
N ALA A 220 -7.64 -13.81 -21.57
CA ALA A 220 -6.30 -14.38 -21.75
C ALA A 220 -6.35 -15.86 -21.49
N VAL A 221 -7.06 -16.30 -20.45
CA VAL A 221 -7.18 -17.72 -20.17
C VAL A 221 -8.05 -18.47 -21.20
N GLU A 222 -9.24 -17.93 -21.46
CA GLU A 222 -10.16 -18.62 -22.38
C GLU A 222 -9.56 -18.74 -23.80
N SER A 223 -8.78 -17.73 -24.22
CA SER A 223 -8.11 -17.75 -25.53
C SER A 223 -6.79 -18.55 -25.60
N GLY A 224 -6.34 -19.08 -24.46
CA GLY A 224 -5.08 -19.81 -24.42
C GLY A 224 -3.79 -18.99 -24.51
N VAL A 225 -3.89 -17.68 -24.29
CA VAL A 225 -2.70 -16.84 -24.08
C VAL A 225 -2.01 -17.26 -22.75
N LEU A 226 -2.82 -17.41 -21.71
CA LEU A 226 -2.33 -17.72 -20.36
C LEU A 226 -2.70 -19.16 -20.08
N LYS A 227 -1.70 -20.01 -19.87
CA LYS A 227 -1.91 -21.46 -19.74
C LYS A 227 -1.49 -22.11 -18.43
N GLU A 228 -0.95 -21.32 -17.48
CA GLU A 228 -0.59 -21.87 -16.17
C GLU A 228 -0.58 -20.76 -15.14
N GLY A 229 -0.61 -21.16 -13.87
CA GLY A 229 -0.33 -20.24 -12.76
C GLY A 229 -1.57 -19.94 -11.91
N ILE A 230 -1.40 -19.02 -10.96
CA ILE A 230 -2.49 -18.76 -10.02
C ILE A 230 -3.77 -18.20 -10.69
N MSE A 231 -3.61 -17.13 -11.45
CA MSE A 231 -4.74 -16.46 -12.10
C MSE A 231 -5.45 -17.46 -13.09
O MSE A 231 -6.68 -17.53 -13.15
CB MSE A 231 -4.24 -15.24 -12.87
CG MSE A 231 -3.44 -14.22 -12.03
SE MSE A 231 -4.39 -13.90 -10.24
CE MSE A 231 -5.74 -13.13 -10.99
N TYR A 232 -4.64 -18.19 -13.83
CA TYR A 232 -5.12 -19.29 -14.68
C TYR A 232 -5.98 -20.27 -13.89
N GLN A 233 -5.46 -20.78 -12.77
CA GLN A 233 -6.24 -21.72 -11.95
C GLN A 233 -7.55 -21.12 -11.39
N CYS A 234 -7.53 -19.83 -11.07
CA CYS A 234 -8.71 -19.14 -10.60
C CYS A 234 -9.80 -19.12 -11.69
N ILE A 235 -9.42 -18.72 -12.90
CA ILE A 235 -10.37 -18.71 -14.03
C ILE A 235 -10.88 -20.14 -14.27
N LYS A 236 -9.99 -21.12 -14.36
CA LYS A 236 -10.38 -22.49 -14.69
C LYS A 236 -11.30 -23.11 -13.65
N ASN A 237 -11.09 -22.76 -12.38
CA ASN A 237 -11.87 -23.34 -11.31
C ASN A 237 -12.96 -22.40 -10.77
N ASN A 238 -13.23 -21.31 -11.48
CA ASN A 238 -14.25 -20.35 -11.07
C ASN A 238 -14.04 -19.81 -9.64
N ILE A 239 -12.79 -19.47 -9.30
CA ILE A 239 -12.48 -18.87 -7.99
C ILE A 239 -12.48 -17.37 -8.14
N PRO A 240 -13.33 -16.66 -7.37
CA PRO A 240 -13.28 -15.24 -7.57
C PRO A 240 -12.00 -14.65 -6.97
N TYR A 241 -11.59 -13.51 -7.51
CA TYR A 241 -10.44 -12.80 -6.93
C TYR A 241 -10.78 -11.34 -6.97
N VAL A 242 -10.12 -10.59 -6.09
CA VAL A 242 -10.24 -9.15 -6.08
C VAL A 242 -8.83 -8.60 -6.13
N LEU A 243 -8.54 -7.79 -7.15
CA LEU A 243 -7.25 -7.16 -7.28
C LEU A 243 -7.42 -5.69 -6.98
N ALA A 244 -6.92 -5.27 -5.82
CA ALA A 244 -7.03 -3.86 -5.39
C ALA A 244 -5.87 -3.08 -5.95
N GLY A 245 -6.17 -1.96 -6.62
CA GLY A 245 -5.14 -1.08 -7.20
C GLY A 245 -4.38 -0.41 -6.07
N SER A 246 -3.15 -0.01 -6.39
CA SER A 246 -2.27 0.62 -5.45
C SER A 246 -1.53 1.74 -6.14
N ILE A 247 -1.08 2.76 -5.40
CA ILE A 247 -0.27 3.83 -6.00
C ILE A 247 1.05 3.39 -6.58
N ARG A 248 1.51 2.19 -6.20
CA ARG A 248 2.75 1.75 -6.80
C ARG A 248 2.55 0.96 -8.10
N ASP A 249 1.32 0.80 -8.55
CA ASP A 249 1.07 -0.10 -9.69
C ASP A 249 1.71 0.37 -10.97
N ASP A 250 2.31 -0.58 -11.69
CA ASP A 250 2.54 -0.42 -13.14
C ASP A 250 1.28 -0.89 -13.87
N GLY A 251 0.97 -0.25 -15.00
CA GLY A 251 -0.25 -0.56 -15.74
C GLY A 251 -1.40 0.27 -15.17
N PRO A 252 -2.37 -0.37 -14.48
CA PRO A 252 -2.47 -1.75 -14.09
C PRO A 252 -3.15 -2.62 -15.16
N ILE A 253 -3.27 -3.90 -14.89
CA ILE A 253 -4.05 -4.74 -15.77
C ILE A 253 -5.54 -4.40 -15.64
N PRO A 254 -6.33 -4.74 -16.68
CA PRO A 254 -7.73 -4.35 -16.68
C PRO A 254 -8.55 -4.84 -15.49
N ASP A 255 -8.23 -6.02 -14.94
CA ASP A 255 -9.03 -6.56 -13.84
C ASP A 255 -8.95 -5.75 -12.52
N VAL A 256 -7.93 -4.91 -12.41
CA VAL A 256 -7.63 -4.17 -11.14
C VAL A 256 -8.66 -3.09 -10.87
N ILE A 257 -9.11 -3.04 -9.61
CA ILE A 257 -10.04 -2.00 -9.14
C ILE A 257 -9.19 -0.89 -8.61
N THR A 258 -9.18 0.24 -9.31
CA THR A 258 -8.27 1.32 -8.98
C THR A 258 -8.73 2.19 -7.82
N ASP A 259 -10.04 2.25 -7.56
CA ASP A 259 -10.49 3.02 -6.40
C ASP A 259 -10.40 2.19 -5.13
N SER A 260 -9.68 2.69 -4.13
CA SER A 260 -9.46 1.95 -2.88
C SER A 260 -10.74 1.58 -2.17
N MSE A 261 -11.70 2.49 -2.17
CA MSE A 261 -12.92 2.30 -1.39
C MSE A 261 -13.82 1.25 -2.05
O MSE A 261 -14.36 0.38 -1.38
CB MSE A 261 -13.67 3.61 -1.20
CG MSE A 261 -12.83 4.70 -0.50
SE MSE A 261 -12.20 4.11 1.25
CE MSE A 261 -10.38 3.55 0.88
N VAL A 262 -13.92 1.30 -3.37
CA VAL A 262 -14.62 0.25 -4.12
C VAL A 262 -13.95 -1.12 -3.89
N ALA A 263 -12.62 -1.16 -3.98
CA ALA A 263 -11.87 -2.40 -3.78
C ALA A 263 -12.15 -2.89 -2.35
N GLN A 264 -12.10 -1.98 -1.38
CA GLN A 264 -12.39 -2.34 -0.01
C GLN A 264 -13.77 -2.97 0.17
N ASP A 265 -14.80 -2.37 -0.44
CA ASP A 265 -16.17 -2.92 -0.37
C ASP A 265 -16.18 -4.34 -0.90
N LYS A 266 -15.59 -4.53 -2.08
CA LYS A 266 -15.53 -5.86 -2.73
C LYS A 266 -14.76 -6.92 -1.89
N MSE A 267 -13.65 -6.51 -1.27
CA MSE A 267 -12.93 -7.38 -0.36
C MSE A 267 -13.81 -7.84 0.81
O MSE A 267 -13.86 -9.02 1.13
CB MSE A 267 -11.67 -6.69 0.15
CG MSE A 267 -10.60 -6.53 -0.95
SE MSE A 267 -9.14 -5.29 -0.39
CE MSE A 267 -8.59 -6.24 1.23
N ARG A 268 -14.52 -6.87 1.42
CA ARG A 268 -15.39 -7.15 2.58
C ARG A 268 -16.42 -8.21 2.24
N THR A 269 -17.11 -8.05 1.12
CA THR A 269 -18.18 -9.00 0.74
C THR A 269 -17.62 -10.36 0.36
N THR A 270 -16.40 -10.35 -0.18
CA THR A 270 -15.72 -11.60 -0.55
C THR A 270 -15.33 -12.46 0.65
N VAL A 271 -14.88 -11.83 1.73
CA VAL A 271 -14.38 -12.59 2.90
C VAL A 271 -15.48 -12.96 3.88
N MSE A 272 -16.62 -12.30 3.82
CA MSE A 272 -17.56 -12.36 4.96
C MSE A 272 -18.13 -13.76 5.25
O MSE A 272 -18.42 -14.07 6.41
CB MSE A 272 -18.66 -11.30 4.84
CG MSE A 272 -19.71 -11.67 3.84
SE MSE A 272 -20.91 -10.22 3.23
CE MSE A 272 -21.64 -11.25 1.70
N ASP A 273 -18.25 -14.60 4.24
CA ASP A 273 -18.77 -15.97 4.40
C ASP A 273 -17.70 -17.08 4.48
N LYS A 274 -16.42 -16.70 4.55
CA LYS A 274 -15.36 -17.72 4.59
C LYS A 274 -15.19 -18.28 6.00
N LYS A 275 -14.68 -19.49 6.10
CA LYS A 275 -14.36 -20.07 7.40
C LYS A 275 -12.93 -19.71 7.85
N MSE A 276 -12.03 -19.45 6.89
CA MSE A 276 -10.63 -19.15 7.21
C MSE A 276 -10.04 -18.22 6.17
O MSE A 276 -10.35 -18.32 4.98
CB MSE A 276 -9.79 -20.46 7.29
CG MSE A 276 -8.26 -20.21 7.21
SE MSE A 276 -7.22 -21.86 7.36
CE MSE A 276 -7.56 -22.05 9.22
N VAL A 277 -9.20 -17.28 6.64
CA VAL A 277 -8.42 -16.42 5.74
C VAL A 277 -6.94 -16.66 6.06
N ILE A 278 -6.15 -16.96 5.02
CA ILE A 278 -4.69 -17.14 5.19
C ILE A 278 -4.00 -15.90 4.58
N MSE A 279 -3.27 -15.17 5.42
CA MSE A 279 -2.64 -13.91 5.02
C MSE A 279 -1.17 -14.18 4.74
O MSE A 279 -0.42 -14.56 5.63
CB MSE A 279 -2.81 -12.83 6.08
CG MSE A 279 -4.27 -12.39 6.29
SE MSE A 279 -4.30 -11.45 8.03
CE MSE A 279 -6.24 -11.15 7.98
N LEU A 280 -0.80 -14.03 3.48
CA LEU A 280 0.55 -14.37 3.04
C LEU A 280 1.33 -13.12 2.71
N SER A 281 2.20 -12.75 3.64
CA SER A 281 3.21 -11.68 3.50
C SER A 281 2.80 -10.47 2.67
N THR A 282 1.88 -9.67 3.18
CA THR A 282 1.66 -8.36 2.58
C THR A 282 1.04 -7.48 3.69
N LEU A 283 1.83 -6.73 4.42
CA LEU A 283 1.29 -6.09 5.64
C LEU A 283 0.02 -5.25 5.37
N LEU A 284 0.06 -4.43 4.34
CA LEU A 284 -1.02 -3.49 4.10
C LEU A 284 -2.29 -4.22 3.67
N HIS A 285 -2.21 -5.15 2.72
CA HIS A 285 -3.38 -5.95 2.29
C HIS A 285 -3.92 -6.84 3.42
N SER A 286 -3.03 -7.40 4.25
CA SER A 286 -3.43 -8.30 5.33
C SER A 286 -4.13 -7.52 6.46
N VAL A 287 -3.58 -6.36 6.82
CA VAL A 287 -4.24 -5.47 7.77
C VAL A 287 -5.59 -5.00 7.24
N ALA A 288 -5.60 -4.55 5.98
CA ALA A 288 -6.84 -4.07 5.34
C ALA A 288 -7.91 -5.15 5.39
N THR A 289 -7.51 -6.39 5.11
CA THR A 289 -8.44 -7.51 5.14
C THR A 289 -8.89 -7.83 6.56
N GLY A 290 -7.95 -7.88 7.51
CA GLY A 290 -8.26 -8.23 8.92
C GLY A 290 -9.28 -7.23 9.48
N ASN A 291 -9.12 -5.96 9.10
CA ASN A 291 -10.03 -4.88 9.50
C ASN A 291 -11.48 -5.14 9.06
N LEU A 292 -11.63 -5.96 8.01
CA LEU A 292 -12.95 -6.23 7.45
C LEU A 292 -13.57 -7.51 7.94
N MSE A 293 -12.89 -8.25 8.79
CA MSE A 293 -13.37 -9.59 9.14
C MSE A 293 -14.07 -9.61 10.48
O MSE A 293 -13.61 -8.99 11.44
CB MSE A 293 -12.19 -10.55 9.18
CG MSE A 293 -11.60 -10.80 7.80
SE MSE A 293 -9.87 -11.68 8.06
CE MSE A 293 -10.49 -13.29 8.91
N PRO A 294 -15.21 -10.31 10.54
CA PRO A 294 -15.83 -10.60 11.81
C PRO A 294 -14.94 -11.55 12.57
N SER A 295 -15.12 -11.58 13.89
CA SER A 295 -14.32 -12.37 14.81
C SER A 295 -14.47 -13.87 14.61
N TYR A 296 -15.51 -14.32 13.92
CA TYR A 296 -15.72 -15.78 13.84
C TYR A 296 -14.94 -16.44 12.69
N ILE A 297 -14.22 -15.65 11.89
CA ILE A 297 -13.37 -16.22 10.83
C ILE A 297 -12.01 -16.57 11.42
N LYS A 298 -11.52 -17.78 11.13
CA LYS A 298 -10.19 -18.20 11.54
C LYS A 298 -9.12 -17.52 10.67
N THR A 299 -7.99 -17.13 11.27
CA THR A 299 -6.93 -16.45 10.53
C THR A 299 -5.60 -17.18 10.71
N VAL A 300 -4.86 -17.34 9.61
CA VAL A 300 -3.47 -17.75 9.68
C VAL A 300 -2.65 -16.59 9.06
N CYS A 301 -1.76 -16.00 9.86
CA CYS A 301 -0.96 -14.82 9.46
C CYS A 301 0.47 -15.25 9.23
N VAL A 302 0.99 -15.04 8.02
CA VAL A 302 2.30 -15.58 7.70
C VAL A 302 3.17 -14.44 7.18
N ASP A 303 4.32 -14.22 7.81
CA ASP A 303 5.27 -13.22 7.28
C ASP A 303 6.64 -13.51 7.82
N ILE A 304 7.67 -13.04 7.12
CA ILE A 304 9.04 -13.30 7.57
C ILE A 304 9.51 -12.36 8.68
N GLN A 305 8.80 -11.23 8.86
CA GLN A 305 9.11 -10.25 9.91
C GLN A 305 8.22 -10.44 11.14
N PRO A 306 8.81 -10.68 12.32
CA PRO A 306 8.04 -10.78 13.56
C PRO A 306 7.16 -9.56 13.82
N SER A 307 7.65 -8.36 13.47
CA SER A 307 6.86 -7.15 13.75
C SER A 307 5.60 -7.10 12.87
N THR A 308 5.72 -7.60 11.65
CA THR A 308 4.56 -7.72 10.78
C THR A 308 3.53 -8.70 11.35
N VAL A 309 3.98 -9.91 11.73
CA VAL A 309 3.09 -10.89 12.31
C VAL A 309 2.40 -10.33 13.57
N THR A 310 3.18 -9.71 14.45
CA THR A 310 2.65 -9.01 15.64
C THR A 310 1.52 -8.03 15.29
N LYS A 311 1.71 -7.21 14.25
CA LYS A 311 0.66 -6.26 13.84
C LYS A 311 -0.59 -6.96 13.33
N LEU A 312 -0.44 -8.15 12.77
CA LEU A 312 -1.61 -8.98 12.38
C LEU A 312 -2.25 -9.68 13.59
N MSE A 313 -1.44 -10.17 14.53
CA MSE A 313 -1.97 -10.78 15.77
C MSE A 313 -2.66 -9.77 16.73
O MSE A 313 -3.37 -10.17 17.65
CB MSE A 313 -0.86 -11.57 16.51
CG MSE A 313 -0.23 -12.80 15.79
SE MSE A 313 -1.63 -14.02 15.33
CE MSE A 313 -2.31 -13.22 13.72
N ASP A 314 -2.45 -8.47 16.49
CA ASP A 314 -3.05 -7.39 17.29
C ASP A 314 -4.56 -7.16 16.99
N ARG A 315 -4.93 -7.03 15.72
CA ARG A 315 -6.35 -6.85 15.34
C ARG A 315 -7.08 -8.18 15.11
N GLY A 316 -6.76 -9.19 15.90
CA GLY A 316 -7.09 -10.55 15.53
C GLY A 316 -8.55 -10.96 15.65
N THR A 317 -8.93 -11.92 14.82
CA THR A 317 -10.18 -12.65 15.00
C THR A 317 -10.01 -13.54 16.25
N SER A 318 -11.09 -14.16 16.72
CA SER A 318 -11.00 -14.92 17.96
C SER A 318 -10.15 -16.19 17.81
N GLN A 319 -10.04 -16.70 16.58
CA GLN A 319 -9.13 -17.81 16.31
C GLN A 319 -8.08 -17.40 15.27
N ALA A 320 -6.85 -17.17 15.73
CA ALA A 320 -5.78 -16.63 14.87
C ALA A 320 -4.47 -17.22 15.28
N ILE A 321 -3.68 -17.64 14.29
CA ILE A 321 -2.31 -18.05 14.55
C ILE A 321 -1.33 -17.24 13.68
N GLY A 322 -0.16 -16.96 14.24
CA GLY A 322 0.86 -16.23 13.51
C GLY A 322 2.01 -17.16 13.26
N VAL A 323 2.56 -17.15 12.05
CA VAL A 323 3.72 -17.96 11.74
C VAL A 323 4.78 -17.04 11.14
N VAL A 324 5.89 -16.90 11.84
CA VAL A 324 6.98 -16.06 11.34
C VAL A 324 7.86 -16.97 10.48
N THR A 325 7.75 -16.83 9.16
CA THR A 325 8.50 -17.72 8.29
C THR A 325 8.56 -17.09 6.89
N ASP A 326 9.28 -17.73 5.97
CA ASP A 326 9.41 -17.27 4.59
C ASP A 326 8.28 -17.94 3.77
N VAL A 327 7.38 -17.15 3.18
CA VAL A 327 6.25 -17.68 2.41
C VAL A 327 6.68 -18.61 1.28
N GLY A 328 7.86 -18.36 0.70
CA GLY A 328 8.39 -19.19 -0.36
C GLY A 328 8.49 -20.65 0.07
N VAL A 329 9.25 -20.92 1.12
CA VAL A 329 9.44 -22.31 1.58
C VAL A 329 8.20 -22.83 2.30
N PHE A 330 7.50 -21.95 3.02
CA PHE A 330 6.25 -22.29 3.72
C PHE A 330 5.24 -22.89 2.75
N LEU A 331 4.96 -22.20 1.64
CA LEU A 331 4.00 -22.68 0.63
C LEU A 331 4.42 -24.00 -0.01
N VAL A 332 5.70 -24.14 -0.30
CA VAL A 332 6.23 -25.39 -0.88
C VAL A 332 6.01 -26.57 0.07
N LEU A 333 6.42 -26.42 1.34
CA LEU A 333 6.23 -27.51 2.31
C LEU A 333 4.76 -27.76 2.63
N LEU A 334 3.98 -26.68 2.80
CA LEU A 334 2.54 -26.80 2.99
C LEU A 334 1.89 -27.63 1.86
N LEU A 335 2.23 -27.33 0.60
CA LEU A 335 1.64 -28.12 -0.50
C LEU A 335 1.99 -29.62 -0.42
N LYS A 336 3.26 -29.95 -0.17
CA LYS A 336 3.64 -31.34 0.08
C LYS A 336 2.78 -32.01 1.16
N GLU A 337 2.50 -31.29 2.26
CA GLU A 337 1.64 -31.82 3.34
C GLU A 337 0.20 -32.03 2.88
N LEU A 338 -0.31 -31.12 2.06
CA LEU A 338 -1.65 -31.23 1.47
C LEU A 338 -1.71 -32.39 0.46
N GLU A 339 -0.70 -32.49 -0.40
CA GLU A 339 -0.58 -33.60 -1.33
C GLU A 339 -0.57 -34.95 -0.62
N ARG A 340 0.16 -35.04 0.50
CA ARG A 340 0.17 -36.23 1.37
C ARG A 340 -1.23 -36.60 1.90
N LEU A 341 -2.02 -35.62 2.29
CA LEU A 341 -3.39 -35.85 2.74
C LEU A 341 -4.33 -36.31 1.62
N GLU A 342 -4.08 -35.86 0.39
CA GLU A 342 -4.83 -36.29 -0.80
C GLU A 342 -4.75 -37.81 -0.98
N LEU A 343 -3.66 -38.40 -0.48
CA LEU A 343 -3.42 -39.84 -0.52
C LEU A 343 -3.83 -40.54 0.78
N ILE B 8 24.86 6.63 -35.98
CA ILE B 8 23.73 6.11 -35.13
C ILE B 8 22.41 6.14 -35.93
N GLU B 9 21.77 4.97 -36.05
CA GLU B 9 20.46 4.85 -36.68
C GLU B 9 19.43 5.78 -36.02
N ASN B 10 18.46 6.23 -36.81
CA ASN B 10 17.28 6.87 -36.24
C ASN B 10 16.47 5.79 -35.53
N ALA B 11 15.77 6.16 -34.46
CA ALA B 11 14.98 5.19 -33.69
C ALA B 11 13.84 4.60 -34.51
N ASN B 12 13.52 3.34 -34.27
CA ASN B 12 12.35 2.72 -34.88
C ASN B 12 11.09 3.06 -34.11
N LEU B 13 10.06 3.49 -34.84
CA LEU B 13 8.79 3.88 -34.27
C LEU B 13 7.65 3.15 -34.95
N LYS B 14 6.67 2.74 -34.14
CA LYS B 14 5.47 2.07 -34.66
C LYS B 14 4.28 2.63 -33.89
N PRO B 15 3.13 2.81 -34.57
CA PRO B 15 1.94 3.39 -33.91
C PRO B 15 1.23 2.34 -33.06
N ALA B 16 0.68 2.77 -31.93
CA ALA B 16 -0.13 1.88 -31.07
C ALA B 16 -1.39 1.46 -31.83
N LEU B 17 -1.70 0.17 -31.82
CA LEU B 17 -2.87 -0.31 -32.56
C LEU B 17 -4.20 -0.06 -31.82
N LYS B 18 -4.13 0.03 -30.49
CA LYS B 18 -5.27 0.43 -29.65
C LYS B 18 -4.77 1.13 -28.37
N ASP B 19 -5.64 1.88 -27.71
CA ASP B 19 -5.32 2.50 -26.43
C ASP B 19 -4.72 1.43 -25.52
N SER B 20 -3.61 1.77 -24.85
CA SER B 20 -2.95 0.92 -23.85
C SER B 20 -2.44 -0.41 -24.37
N VAL B 21 -2.32 -0.56 -25.69
CA VAL B 21 -1.70 -1.74 -26.24
C VAL B 21 -0.55 -1.32 -27.16
N LEU B 22 0.63 -1.89 -26.91
CA LEU B 22 1.84 -1.47 -27.54
C LEU B 22 2.30 -2.47 -28.57
N PRO B 23 2.95 -1.98 -29.66
CA PRO B 23 3.51 -2.87 -30.68
C PRO B 23 4.62 -3.74 -30.11
N ASP B 24 4.78 -4.95 -30.67
CA ASP B 24 5.85 -5.82 -30.25
C ASP B 24 7.20 -5.15 -30.34
N GLY B 25 8.09 -5.50 -29.40
CA GLY B 25 9.43 -4.96 -29.36
C GLY B 25 9.51 -3.57 -28.77
N PHE B 26 8.39 -3.02 -28.28
CA PHE B 26 8.44 -1.71 -27.63
C PHE B 26 9.51 -1.63 -26.53
N TYR B 27 10.15 -0.47 -26.46
CA TYR B 27 11.17 -0.17 -25.46
C TYR B 27 10.47 0.16 -24.13
N SER B 28 10.96 -0.49 -23.07
CA SER B 28 10.45 -0.26 -21.71
C SER B 28 11.54 0.52 -20.96
N THR B 29 11.20 1.69 -20.44
CA THR B 29 12.18 2.66 -20.00
C THR B 29 12.88 2.24 -18.69
N THR B 30 14.09 2.77 -18.52
CA THR B 30 14.78 2.85 -17.24
C THR B 30 14.28 4.09 -16.49
N ASN B 31 14.85 4.35 -15.31
CA ASN B 31 14.53 5.59 -14.63
C ASN B 31 15.50 6.75 -15.00
N HIS B 32 16.33 6.53 -16.02
CA HIS B 32 17.33 7.53 -16.41
C HIS B 32 16.87 8.45 -17.56
N PRO B 33 17.40 9.69 -17.60
CA PRO B 33 17.14 10.56 -18.75
C PRO B 33 17.53 9.86 -20.04
N THR B 34 16.64 9.93 -21.01
CA THR B 34 16.86 9.19 -22.27
C THR B 34 16.69 10.17 -23.44
N HIS B 35 17.51 10.01 -24.50
CA HIS B 35 17.32 10.79 -25.72
C HIS B 35 17.02 9.83 -26.86
N VAL B 36 16.22 10.29 -27.82
CA VAL B 36 15.89 9.46 -29.00
C VAL B 36 16.27 10.18 -30.32
N LYS B 37 16.81 9.43 -31.27
CA LYS B 37 17.22 10.04 -32.54
C LYS B 37 16.07 9.97 -33.52
N VAL B 38 15.60 11.15 -33.90
CA VAL B 38 14.45 11.30 -34.78
C VAL B 38 14.80 12.33 -35.88
N ASN B 39 14.62 11.92 -37.14
CA ASN B 39 14.98 12.75 -38.31
C ASN B 39 16.35 13.34 -38.10
N ASP B 40 17.30 12.45 -37.81
CA ASP B 40 18.72 12.75 -37.56
C ASP B 40 19.05 13.80 -36.48
N GLU B 41 18.12 14.07 -35.58
CA GLU B 41 18.39 14.94 -34.42
C GLU B 41 18.06 14.18 -33.13
N TRP B 42 18.82 14.46 -32.08
CA TRP B 42 18.52 13.91 -30.75
C TRP B 42 17.45 14.75 -30.08
N ILE B 43 16.38 14.07 -29.67
CA ILE B 43 15.31 14.71 -28.95
C ILE B 43 15.39 14.24 -27.49
N GLU B 44 15.26 15.17 -26.55
CA GLU B 44 15.28 14.79 -25.12
C GLU B 44 13.90 14.30 -24.73
N VAL B 45 13.81 13.06 -24.27
CA VAL B 45 12.52 12.51 -23.83
C VAL B 45 12.10 13.12 -22.48
N ALA B 46 10.94 13.79 -22.47
CA ALA B 46 10.43 14.46 -21.30
C ALA B 46 10.07 13.44 -20.19
N ASN B 47 10.38 13.82 -18.95
CA ASN B 47 9.83 13.19 -17.73
C ASN B 47 10.31 11.74 -17.52
N PRO B 48 11.63 11.54 -17.43
CA PRO B 48 12.16 10.18 -17.31
C PRO B 48 11.52 9.46 -16.11
N LYS B 49 11.17 8.18 -16.29
CA LYS B 49 10.41 7.39 -15.31
C LYS B 49 10.47 5.95 -15.83
N MSE B 50 10.68 4.97 -14.94
CA MSE B 50 10.92 3.58 -15.34
C MSE B 50 9.64 2.86 -15.75
O MSE B 50 8.54 3.28 -15.39
CB MSE B 50 11.56 2.82 -14.17
CG MSE B 50 10.58 2.55 -13.04
SE MSE B 50 11.46 1.44 -11.63
CE MSE B 50 12.65 2.82 -10.90
N ASP B 51 9.79 1.72 -16.43
CA ASP B 51 8.65 0.82 -16.67
C ASP B 51 7.52 1.54 -17.43
N ALA B 52 7.91 2.43 -18.33
CA ALA B 52 6.97 3.16 -19.15
C ALA B 52 7.45 3.13 -20.62
N VAL B 53 6.75 3.85 -21.48
CA VAL B 53 7.16 3.81 -22.90
C VAL B 53 7.52 5.20 -23.41
N ILE B 54 8.20 5.24 -24.53
CA ILE B 54 8.54 6.52 -25.09
C ILE B 54 7.65 6.80 -26.30
N VAL B 55 6.91 7.90 -26.21
CA VAL B 55 6.01 8.29 -27.29
C VAL B 55 6.68 9.50 -27.97
N VAL B 56 6.82 9.40 -29.29
CA VAL B 56 7.47 10.43 -30.10
C VAL B 56 6.43 11.19 -30.95
N TYR B 57 6.62 12.50 -31.02
CA TYR B 57 5.82 13.40 -31.84
C TYR B 57 6.80 14.02 -32.85
N PRO B 58 7.10 13.30 -33.93
CA PRO B 58 8.21 13.77 -34.76
C PRO B 58 8.02 15.20 -35.30
N GLU B 59 6.79 15.56 -35.67
CA GLU B 59 6.45 16.88 -36.22
C GLU B 59 6.62 18.01 -35.22
N GLU B 60 6.56 17.66 -33.93
CA GLU B 60 6.77 18.64 -32.86
C GLU B 60 8.22 18.62 -32.35
N LYS B 61 9.04 17.72 -32.89
CA LYS B 61 10.40 17.49 -32.39
C LYS B 61 10.41 17.36 -30.84
N ARG B 62 9.50 16.53 -30.35
CA ARG B 62 9.45 16.21 -28.92
C ARG B 62 9.10 14.75 -28.70
N ALA B 63 9.38 14.27 -27.48
CA ALA B 63 9.02 12.93 -27.07
C ALA B 63 8.79 12.98 -25.56
N GLU B 64 7.93 12.08 -25.08
CA GLU B 64 7.65 12.02 -23.65
C GLU B 64 7.53 10.56 -23.18
N THR B 65 7.73 10.38 -21.87
CA THR B 65 7.65 9.09 -21.22
C THR B 65 6.22 8.96 -20.74
N LYS B 66 5.47 8.01 -21.32
CA LYS B 66 4.08 7.76 -20.99
C LYS B 66 3.92 6.38 -20.36
N VAL B 67 3.12 6.32 -19.31
CA VAL B 67 2.75 5.02 -18.76
C VAL B 67 1.81 4.37 -19.77
N ILE B 68 1.80 3.04 -19.79
CA ILE B 68 1.06 2.27 -20.76
C ILE B 68 -0.43 2.61 -20.77
N ARG B 69 -1.04 2.89 -19.62
CA ARG B 69 -2.45 3.21 -19.61
C ARG B 69 -2.79 4.59 -20.19
N LYS B 70 -1.79 5.44 -20.41
CA LYS B 70 -2.04 6.71 -21.08
C LYS B 70 -1.68 6.70 -22.58
N VAL B 71 -1.14 5.58 -23.07
CA VAL B 71 -0.84 5.46 -24.52
C VAL B 71 -2.14 5.35 -25.33
N LYS B 72 -2.27 6.21 -26.37
CA LYS B 72 -3.49 6.26 -27.21
C LYS B 72 -3.27 5.60 -28.57
N LYS B 73 -4.33 5.03 -29.14
CA LYS B 73 -4.26 4.47 -30.49
C LYS B 73 -3.59 5.51 -31.38
N GLY B 74 -2.61 5.07 -32.17
CA GLY B 74 -1.91 5.96 -33.12
C GLY B 74 -0.65 6.65 -32.60
N ASP B 75 -0.44 6.65 -31.28
CA ASP B 75 0.80 7.24 -30.70
C ASP B 75 1.97 6.48 -31.26
N PHE B 76 3.02 7.18 -31.71
CA PHE B 76 4.25 6.53 -32.17
C PHE B 76 5.10 6.11 -30.98
N VAL B 77 5.29 4.82 -30.84
CA VAL B 77 5.99 4.20 -29.71
C VAL B 77 7.37 3.76 -30.19
N LEU B 78 8.38 4.11 -29.40
CA LEU B 78 9.74 3.67 -29.62
C LEU B 78 9.81 2.15 -29.51
N ILE B 79 10.37 1.54 -30.56
CA ILE B 79 10.55 0.10 -30.67
C ILE B 79 12.02 -0.23 -30.67
N GLY B 80 12.38 -1.29 -29.94
CA GLY B 80 13.78 -1.75 -29.81
C GLY B 80 14.73 -0.78 -29.14
N HIS B 81 16.03 -0.99 -29.37
CA HIS B 81 17.06 -0.23 -28.64
C HIS B 81 17.97 0.65 -29.49
N ASN B 82 17.71 0.72 -30.80
CA ASN B 82 18.47 1.59 -31.71
C ASN B 82 18.05 3.03 -31.63
N GLY B 83 18.99 3.94 -31.86
CA GLY B 83 18.68 5.37 -31.87
C GLY B 83 18.27 5.89 -30.50
N ILE B 84 18.79 5.26 -29.45
CA ILE B 84 18.55 5.77 -28.09
C ILE B 84 19.86 5.96 -27.33
N ARG B 85 19.85 6.94 -26.44
CA ARG B 85 20.99 7.28 -25.59
C ARG B 85 20.47 7.46 -24.15
N VAL B 86 20.94 6.62 -23.23
CA VAL B 86 20.44 6.62 -21.84
C VAL B 86 21.58 7.14 -20.96
N MSE B 87 21.29 8.10 -20.10
CA MSE B 87 22.32 8.77 -19.27
C MSE B 87 22.15 8.43 -17.79
O MSE B 87 21.47 9.14 -17.08
CB MSE B 87 22.19 10.28 -19.40
CG MSE B 87 23.21 10.93 -20.30
SE MSE B 87 22.72 10.68 -22.18
CE MSE B 87 20.81 11.18 -22.09
N PRO B 88 22.76 7.33 -17.33
CA PRO B 88 22.60 7.00 -15.90
C PRO B 88 23.48 7.93 -15.06
N PRO B 89 23.36 7.88 -13.72
CA PRO B 89 24.26 8.71 -12.89
C PRO B 89 25.74 8.44 -13.18
N GLU B 90 26.54 9.49 -13.09
CA GLU B 90 28.01 9.41 -13.27
C GLU B 90 28.62 8.33 -12.40
N LYS B 91 29.43 7.46 -12.99
CA LYS B 91 30.17 6.48 -12.18
C LYS B 91 31.38 7.15 -11.54
N SER B 92 31.81 6.62 -10.39
CA SER B 92 32.95 7.19 -9.69
C SER B 92 34.21 7.11 -10.57
N ARG B 93 35.13 8.05 -10.33
CA ARG B 93 36.34 8.21 -11.14
C ARG B 93 37.27 6.97 -11.11
N GLU B 94 37.17 6.16 -10.07
CA GLU B 94 38.03 4.99 -9.93
C GLU B 94 37.27 3.75 -9.51
N ALA B 95 37.77 2.59 -9.96
CA ALA B 95 37.27 1.30 -9.48
C ALA B 95 37.44 1.19 -7.96
N GLY B 96 36.62 0.36 -7.33
CA GLY B 96 36.70 0.15 -5.89
C GLY B 96 37.96 -0.60 -5.51
N GLN B 97 38.29 -0.52 -4.23
CA GLN B 97 39.34 -1.31 -3.58
C GLN B 97 39.11 -2.81 -3.75
N LEU B 98 40.20 -3.55 -3.76
CA LEU B 98 40.14 -4.98 -3.79
C LEU B 98 39.39 -5.54 -2.55
N PHE B 99 39.72 -5.02 -1.38
CA PHE B 99 39.26 -5.65 -0.14
C PHE B 99 38.85 -4.52 0.80
N GLU B 100 37.57 -4.50 1.22
CA GLU B 100 37.07 -3.46 2.12
C GLU B 100 35.85 -3.93 2.90
N PHE B 101 35.61 -3.31 4.04
CA PHE B 101 34.56 -3.74 4.96
C PHE B 101 33.44 -2.73 4.94
N MSE B 102 32.26 -3.18 5.41
CA MSE B 102 31.15 -2.26 5.65
C MSE B 102 30.68 -1.53 4.37
O MSE B 102 30.23 -0.40 4.41
CB MSE B 102 31.54 -1.23 6.70
CG MSE B 102 32.21 -1.80 7.91
SE MSE B 102 31.09 -3.19 8.75
CE MSE B 102 29.87 -2.16 9.36
N ASN B 103 30.78 -2.18 3.23
CA ASN B 103 30.39 -1.48 2.01
C ASN B 103 29.00 -1.88 1.49
N SER B 104 28.20 -2.58 2.30
CA SER B 104 26.80 -2.88 1.94
C SER B 104 26.12 -1.61 1.54
N GLU B 105 25.18 -1.72 0.61
CA GLU B 105 24.30 -0.59 0.27
C GLU B 105 23.34 -0.28 1.41
N VAL B 106 22.96 -1.30 2.17
CA VAL B 106 21.90 -1.08 3.14
C VAL B 106 22.32 -1.78 4.43
N SER B 107 22.62 -1.01 5.46
CA SER B 107 22.87 -1.59 6.77
C SER B 107 22.76 -0.50 7.82
N SER B 108 22.28 -0.87 8.99
CA SER B 108 22.23 0.06 10.10
C SER B 108 23.65 0.35 10.68
N GLU B 109 24.64 -0.49 10.36
CA GLU B 109 25.98 -0.36 10.93
C GLU B 109 26.82 0.64 10.14
N LYS B 110 26.39 1.90 10.16
CA LYS B 110 27.07 3.00 9.43
C LYS B 110 26.98 4.25 10.28
N PRO B 111 28.01 5.12 10.25
CA PRO B 111 28.05 6.28 11.17
C PRO B 111 26.91 7.30 10.99
N LYS B 112 26.05 7.38 12.00
CA LYS B 112 24.77 8.11 11.82
C LYS B 112 24.88 9.62 11.94
N GLU B 113 25.62 10.08 12.95
CA GLU B 113 25.87 11.53 13.04
C GLU B 113 26.45 12.12 11.77
N ALA B 114 27.39 11.41 11.15
CA ALA B 114 28.00 11.80 9.87
C ALA B 114 26.97 11.99 8.77
N ILE B 115 26.09 11.00 8.61
CA ILE B 115 25.11 11.09 7.52
C ILE B 115 24.02 12.14 7.79
N ILE B 116 23.66 12.29 9.06
CA ILE B 116 22.71 13.36 9.43
C ILE B 116 23.30 14.74 9.09
N LYS B 117 24.57 14.94 9.44
CA LYS B 117 25.27 16.21 9.10
C LYS B 117 25.26 16.48 7.60
N ARG B 118 25.65 15.47 6.82
CA ARG B 118 25.64 15.54 5.35
C ARG B 118 24.28 15.84 4.73
N ILE B 119 23.24 15.14 5.19
CA ILE B 119 21.86 15.39 4.73
C ILE B 119 21.41 16.80 5.06
N ALA B 120 21.72 17.25 6.28
CA ALA B 120 21.32 18.61 6.70
C ALA B 120 22.02 19.70 5.84
N LYS B 121 23.30 19.50 5.54
CA LYS B 121 24.04 20.45 4.68
C LYS B 121 23.40 20.53 3.29
N GLU B 122 23.10 19.36 2.71
CA GLU B 122 22.42 19.34 1.43
C GLU B 122 21.03 19.98 1.44
N MSE B 123 20.23 19.71 2.47
CA MSE B 123 18.91 20.32 2.57
C MSE B 123 19.03 21.87 2.69
O MSE B 123 18.22 22.61 2.13
CB MSE B 123 18.15 19.81 3.79
CG MSE B 123 17.75 18.32 3.69
SE MSE B 123 16.91 17.80 5.38
CE MSE B 123 15.29 18.88 5.39
N HIS B 124 20.03 22.32 3.42
CA HIS B 124 20.26 23.76 3.60
C HIS B 124 20.63 24.40 2.24
N GLU B 125 21.54 23.78 1.53
CA GLU B 125 21.93 24.23 0.20
C GLU B 125 20.74 24.26 -0.76
N ILE B 126 19.96 23.18 -0.75
CA ILE B 126 18.79 23.08 -1.62
C ILE B 126 17.71 24.13 -1.27
N ARG B 127 17.47 24.36 0.01
CA ARG B 127 16.50 25.40 0.40
C ARG B 127 16.94 26.79 -0.08
N GLU B 128 18.23 27.09 0.08
CA GLU B 128 18.84 28.35 -0.40
C GLU B 128 18.59 28.56 -1.89
N GLU B 129 18.92 27.57 -2.70
CA GLU B 129 18.62 27.62 -4.13
C GLU B 129 17.13 27.72 -4.50
N TYR B 130 16.27 27.03 -3.77
CA TYR B 130 14.83 27.17 -4.00
C TYR B 130 14.35 28.62 -3.72
N LYS B 131 14.86 29.22 -2.64
CA LYS B 131 14.51 30.59 -2.30
C LYS B 131 14.99 31.57 -3.39
N LYS B 132 16.12 31.28 -4.02
CA LYS B 132 16.67 32.06 -5.13
C LYS B 132 15.88 31.91 -6.43
N THR B 133 15.52 30.67 -6.77
CA THR B 133 14.99 30.33 -8.09
C THR B 133 13.48 30.06 -8.15
N GLY B 134 12.90 29.66 -7.02
CA GLY B 134 11.50 29.24 -6.97
C GLY B 134 11.26 27.89 -7.60
N THR B 135 12.35 27.17 -7.89
CA THR B 135 12.23 25.85 -8.51
C THR B 135 13.12 24.82 -7.77
N GLY B 136 12.84 23.54 -7.98
CA GLY B 136 13.58 22.46 -7.30
C GLY B 136 12.99 22.17 -5.92
N GLY B 137 13.82 22.26 -4.88
CA GLY B 137 13.28 22.06 -3.57
C GLY B 137 13.18 20.59 -3.18
N ILE B 138 12.50 20.33 -2.07
CA ILE B 138 12.54 19.02 -1.41
C ILE B 138 11.13 18.52 -1.26
N ALA B 139 10.90 17.25 -1.58
CA ALA B 139 9.64 16.60 -1.21
C ALA B 139 9.90 15.55 -0.12
N ILE B 140 8.93 15.41 0.77
CA ILE B 140 8.93 14.36 1.81
C ILE B 140 7.89 13.34 1.47
N VAL B 141 8.27 12.08 1.60
CA VAL B 141 7.33 10.99 1.46
C VAL B 141 7.30 10.36 2.86
N GLY B 142 6.12 10.20 3.45
CA GLY B 142 6.12 9.79 4.86
C GLY B 142 5.03 8.83 5.27
N GLY B 143 5.32 8.00 6.26
CA GLY B 143 4.30 7.11 6.83
C GLY B 143 3.98 7.49 8.26
N PRO B 144 2.94 6.91 8.84
CA PRO B 144 2.48 7.32 10.15
C PRO B 144 3.49 7.04 11.29
N ALA B 145 4.50 6.19 11.06
CA ALA B 145 5.51 5.99 12.11
C ALA B 145 6.25 7.25 12.49
N ILE B 146 6.30 8.22 11.57
CA ILE B 146 6.86 9.53 11.88
C ILE B 146 6.18 10.04 13.13
N ILE B 147 4.86 9.89 13.19
CA ILE B 147 4.07 10.42 14.31
C ILE B 147 4.20 9.51 15.53
N HIS B 148 4.04 8.20 15.32
CA HIS B 148 4.12 7.26 16.44
C HIS B 148 5.42 7.33 17.19
N THR B 149 6.51 7.63 16.48
CA THR B 149 7.86 7.65 17.11
C THR B 149 8.27 9.03 17.66
N GLY B 150 7.36 10.00 17.60
CA GLY B 150 7.63 11.34 18.17
C GLY B 150 8.39 12.25 17.24
N GLY B 151 8.44 11.90 15.95
CA GLY B 151 9.10 12.70 14.94
C GLY B 151 8.23 13.81 14.34
N GLY B 152 6.95 13.84 14.66
CA GLY B 152 6.01 14.78 14.01
C GLY B 152 6.38 16.24 14.22
N PRO B 153 6.59 16.65 15.47
CA PRO B 153 6.97 18.06 15.71
C PRO B 153 8.21 18.51 14.93
N ALA B 154 9.23 17.65 14.83
CA ALA B 154 10.44 17.97 14.08
C ALA B 154 10.14 18.19 12.61
N LEU B 155 9.32 17.32 12.03
CA LEU B 155 8.97 17.46 10.62
C LEU B 155 8.12 18.71 10.40
N ALA B 156 7.17 18.96 11.31
CA ALA B 156 6.33 20.18 11.19
C ALA B 156 7.18 21.46 11.20
N LYS B 157 8.17 21.48 12.07
CA LYS B 157 9.14 22.57 12.10
C LYS B 157 9.93 22.77 10.79
N MSE B 158 10.34 21.69 10.15
CA MSE B 158 11.02 21.79 8.85
C MSE B 158 10.10 22.43 7.81
O MSE B 158 10.56 23.22 7.00
CB MSE B 158 11.55 20.43 8.35
CG MSE B 158 12.60 19.86 9.28
SE MSE B 158 12.95 17.95 8.81
CE MSE B 158 13.85 17.45 10.49
N VAL B 159 8.82 22.05 7.82
CA VAL B 159 7.82 22.69 6.95
C VAL B 159 7.72 24.20 7.28
N GLU B 160 7.55 24.51 8.56
CA GLU B 160 7.49 25.89 9.05
C GLU B 160 8.70 26.69 8.59
N LEU B 161 9.88 26.10 8.65
CA LEU B 161 11.13 26.79 8.31
C LEU B 161 11.44 26.88 6.81
N GLY B 162 10.55 26.35 5.97
CA GLY B 162 10.66 26.47 4.53
C GLY B 162 11.50 25.43 3.83
N TYR B 163 11.89 24.35 4.53
CA TYR B 163 12.68 23.27 3.89
C TYR B 163 11.89 22.35 2.96
N ILE B 164 10.58 22.33 3.11
CA ILE B 164 9.75 21.29 2.48
C ILE B 164 8.81 21.90 1.45
N GLN B 165 8.91 21.48 0.18
CA GLN B 165 8.03 22.00 -0.88
C GLN B 165 6.86 21.09 -1.27
N ALA B 166 6.83 19.87 -0.73
CA ALA B 166 5.72 18.97 -0.98
C ALA B 166 5.76 17.84 0.02
N ILE B 167 4.57 17.31 0.34
CA ILE B 167 4.44 16.08 1.16
C ILE B 167 3.52 15.08 0.49
N LEU B 168 4.02 13.87 0.28
CA LEU B 168 3.23 12.79 -0.24
C LEU B 168 3.06 11.77 0.88
N ALA B 169 1.83 11.35 1.16
CA ALA B 169 1.59 10.47 2.30
C ALA B 169 0.23 9.85 2.09
N GLY B 170 -0.31 9.20 3.13
CA GLY B 170 -1.63 8.64 3.11
C GLY B 170 -2.49 9.24 4.21
N ASN B 171 -3.67 8.67 4.39
CA ASN B 171 -4.62 9.06 5.41
C ASN B 171 -4.02 8.89 6.80
N ALA B 172 -3.25 7.82 6.97
CA ALA B 172 -2.74 7.52 8.32
C ALA B 172 -1.76 8.60 8.82
N LEU B 173 -0.82 9.03 7.99
CA LEU B 173 0.07 10.11 8.39
C LEU B 173 -0.71 11.38 8.79
N ALA B 174 -1.57 11.84 7.89
CA ALA B 174 -2.34 13.07 8.14
C ALA B 174 -3.22 12.95 9.36
N THR B 175 -3.92 11.84 9.51
CA THR B 175 -4.89 11.73 10.60
C THR B 175 -4.23 11.52 11.96
N HIS B 176 -3.08 10.82 12.01
CA HIS B 176 -2.32 10.75 13.28
C HIS B 176 -1.62 12.04 13.65
N ASP B 177 -1.11 12.76 12.65
CA ASP B 177 -0.59 14.12 12.88
C ASP B 177 -1.71 14.97 13.54
N ILE B 178 -2.91 14.86 12.99
CA ILE B 178 -4.03 15.65 13.50
C ILE B 178 -4.50 15.19 14.86
N GLU B 179 -4.55 13.87 15.08
CA GLU B 179 -4.74 13.30 16.42
C GLU B 179 -3.80 13.90 17.43
N SER B 180 -2.52 14.04 17.05
CA SER B 180 -1.56 14.52 18.04
C SER B 180 -1.77 16.02 18.25
N ALA B 181 -2.15 16.75 17.21
CA ALA B 181 -2.45 18.18 17.35
C ALA B 181 -3.65 18.42 18.26
N LEU B 182 -4.73 17.66 18.07
CA LEU B 182 -5.96 17.85 18.85
C LEU B 182 -5.86 17.29 20.23
N TYR B 183 -5.27 16.10 20.36
CA TYR B 183 -5.30 15.35 21.63
C TYR B 183 -3.96 15.05 22.30
N GLY B 184 -2.86 15.34 21.64
CA GLY B 184 -1.55 15.03 22.24
C GLY B 184 -1.11 13.56 22.10
N THR B 185 -1.86 12.76 21.32
CA THR B 185 -1.56 11.32 21.16
C THR B 185 -1.44 10.86 19.69
N SER B 186 -0.83 9.69 19.50
CA SER B 186 -0.90 8.96 18.24
C SER B 186 -1.17 7.53 18.63
N LEU B 187 -2.26 6.99 18.10
CA LEU B 187 -2.73 5.68 18.54
C LEU B 187 -3.07 5.69 20.04
N GLY B 188 -3.41 6.87 20.59
CA GLY B 188 -3.76 6.94 22.00
C GLY B 188 -2.58 6.98 22.93
N VAL B 189 -1.36 7.06 22.38
CA VAL B 189 -0.16 7.14 23.19
C VAL B 189 0.32 8.58 23.22
N ASN B 190 0.56 9.12 24.41
CA ASN B 190 0.92 10.52 24.54
C ASN B 190 2.35 10.73 23.97
N ILE B 191 2.50 11.68 23.06
CA ILE B 191 3.77 11.94 22.38
C ILE B 191 4.89 12.39 23.37
N LYS B 192 4.52 13.16 24.38
CA LYS B 192 5.50 13.76 25.29
C LYS B 192 5.95 12.86 26.39
N THR B 193 5.13 11.89 26.75
CA THR B 193 5.47 11.00 27.84
C THR B 193 5.66 9.53 27.39
N ALA B 194 5.26 9.20 26.15
CA ALA B 194 5.23 7.81 25.68
C ALA B 194 4.31 6.86 26.47
N LYS B 195 3.33 7.40 27.18
CA LYS B 195 2.36 6.57 27.92
C LYS B 195 0.99 6.64 27.30
N PRO B 196 0.26 5.52 27.32
CA PRO B 196 -1.11 5.51 26.85
C PRO B 196 -1.94 6.39 27.79
N VAL B 197 -2.95 7.02 27.24
CA VAL B 197 -3.83 7.86 28.07
C VAL B 197 -5.21 7.17 28.15
N THR B 198 -5.94 7.40 29.24
CA THR B 198 -7.28 6.82 29.41
C THR B 198 -8.17 7.28 28.25
N GLY B 199 -8.82 6.32 27.58
CA GLY B 199 -9.67 6.63 26.42
C GLY B 199 -8.94 7.04 25.14
N GLY B 200 -7.60 6.95 25.14
CA GLY B 200 -6.80 7.34 23.98
C GLY B 200 -7.10 6.58 22.70
N HIS B 201 -7.66 5.38 22.85
CA HIS B 201 -8.04 4.54 21.70
C HIS B 201 -9.12 5.19 20.82
N LYS B 202 -9.82 6.16 21.38
CA LYS B 202 -10.84 6.92 20.65
C LYS B 202 -10.28 8.13 19.93
N HIS B 203 -9.08 8.59 20.27
CA HIS B 203 -8.64 9.86 19.72
C HIS B 203 -8.52 9.88 18.20
N HIS B 204 -8.07 8.78 17.63
CA HIS B 204 -7.89 8.70 16.19
C HIS B 204 -9.21 8.92 15.41
N ILE B 205 -10.25 8.17 15.76
CA ILE B 205 -11.60 8.41 15.15
C ILE B 205 -12.16 9.80 15.50
N TYR B 206 -11.89 10.30 16.72
CA TYR B 206 -12.32 11.67 17.03
C TYR B 206 -11.65 12.65 16.10
N ALA B 207 -10.37 12.41 15.78
CA ALA B 207 -9.66 13.32 14.87
C ALA B 207 -10.20 13.28 13.43
N ILE B 208 -10.50 12.08 12.96
CA ILE B 208 -11.10 11.93 11.62
C ILE B 208 -12.49 12.63 11.62
N ASN B 209 -13.28 12.37 12.64
CA ASN B 209 -14.65 12.96 12.77
C ASN B 209 -14.58 14.48 12.72
N ALA B 210 -13.59 15.06 13.39
CA ALA B 210 -13.39 16.50 13.44
C ALA B 210 -13.08 17.09 12.08
N ILE B 211 -12.27 16.38 11.28
CA ILE B 211 -11.93 16.86 9.96
C ILE B 211 -13.11 16.67 8.99
N ASN B 212 -13.79 15.53 9.05
CA ASN B 212 -15.00 15.31 8.28
C ASN B 212 -16.02 16.43 8.54
N ASP B 213 -16.21 16.77 9.82
CA ASP B 213 -17.11 17.86 10.25
C ASP B 213 -16.70 19.21 9.68
N ALA B 214 -15.41 19.52 9.81
CA ALA B 214 -14.90 20.77 9.27
C ALA B 214 -15.06 20.83 7.76
N GLY B 215 -14.94 19.68 7.07
CA GLY B 215 -15.06 19.61 5.59
C GLY B 215 -13.78 19.26 4.83
N ASN B 216 -12.64 19.61 5.40
CA ASN B 216 -11.31 19.29 4.89
C ASN B 216 -10.32 19.85 5.89
N ILE B 217 -9.03 19.59 5.67
CA ILE B 217 -7.99 20.12 6.56
C ILE B 217 -7.94 21.66 6.58
N LYS B 218 -7.93 22.27 5.40
CA LYS B 218 -7.92 23.74 5.27
C LYS B 218 -9.03 24.42 6.09
N ASN B 219 -10.25 23.90 6.00
CA ASN B 219 -11.38 24.43 6.79
C ASN B 219 -11.16 24.32 8.27
N ALA B 220 -10.63 23.17 8.72
CA ALA B 220 -10.27 22.96 10.13
C ALA B 220 -9.21 23.93 10.64
N VAL B 221 -8.27 24.29 9.78
CA VAL B 221 -7.27 25.29 10.16
C VAL B 221 -7.95 26.68 10.23
N GLU B 222 -8.72 27.01 9.20
CA GLU B 222 -9.46 28.28 9.14
C GLU B 222 -10.44 28.46 10.30
N SER B 223 -11.11 27.40 10.73
CA SER B 223 -11.98 27.45 11.92
C SER B 223 -11.30 27.50 13.31
N GLY B 224 -9.98 27.38 13.37
CA GLY B 224 -9.25 27.28 14.63
C GLY B 224 -9.31 25.92 15.32
N VAL B 225 -9.91 24.93 14.65
CA VAL B 225 -9.94 23.55 15.20
C VAL B 225 -8.52 22.94 15.22
N LEU B 226 -7.82 23.06 14.09
CA LEU B 226 -6.46 22.54 13.92
C LEU B 226 -5.46 23.68 14.02
N LYS B 227 -4.63 23.63 15.05
CA LYS B 227 -3.78 24.76 15.47
C LYS B 227 -2.27 24.49 15.41
N GLU B 228 -1.88 23.26 15.07
CA GLU B 228 -0.46 22.91 15.09
C GLU B 228 -0.25 21.61 14.31
N GLY B 229 1.01 21.31 13.96
CA GLY B 229 1.35 20.01 13.38
C GLY B 229 1.75 20.15 11.91
N ILE B 230 2.00 19.01 11.28
CA ILE B 230 2.51 18.97 9.91
C ILE B 230 1.48 19.52 8.91
N MSE B 231 0.25 19.02 8.95
CA MSE B 231 -0.77 19.42 7.99
C MSE B 231 -1.11 20.92 8.19
O MSE B 231 -1.23 21.66 7.22
CB MSE B 231 -2.04 18.56 8.15
CG MSE B 231 -1.82 17.03 8.12
SE MSE B 231 -0.68 16.59 6.56
CE MSE B 231 -1.90 17.00 5.22
N TYR B 232 -1.21 21.34 9.44
CA TYR B 232 -1.32 22.77 9.78
C TYR B 232 -0.24 23.62 9.14
N GLN B 233 1.02 23.25 9.31
CA GLN B 233 2.08 24.00 8.68
C GLN B 233 2.02 24.00 7.17
N CYS B 234 1.52 22.92 6.57
CA CYS B 234 1.36 22.89 5.11
C CYS B 234 0.32 23.94 4.68
N ILE B 235 -0.82 23.97 5.38
CA ILE B 235 -1.84 24.99 5.11
C ILE B 235 -1.25 26.40 5.25
N LYS B 236 -0.58 26.66 6.37
CA LYS B 236 -0.10 28.03 6.65
C LYS B 236 0.94 28.48 5.67
N ASN B 237 1.73 27.53 5.17
CA ASN B 237 2.86 27.90 4.34
C ASN B 237 2.63 27.60 2.88
N ASN B 238 1.39 27.24 2.54
CA ASN B 238 0.98 26.87 1.20
C ASN B 238 1.88 25.79 0.58
N ILE B 239 2.16 24.74 1.38
CA ILE B 239 2.91 23.59 0.89
C ILE B 239 1.92 22.55 0.41
N PRO B 240 2.00 22.15 -0.86
CA PRO B 240 1.05 21.19 -1.38
C PRO B 240 1.31 19.79 -0.80
N TYR B 241 0.25 19.02 -0.63
CA TYR B 241 0.41 17.63 -0.22
C TYR B 241 -0.50 16.77 -1.06
N VAL B 242 -0.18 15.49 -1.12
CA VAL B 242 -1.00 14.55 -1.83
C VAL B 242 -1.22 13.41 -0.85
N LEU B 243 -2.46 13.17 -0.47
CA LEU B 243 -2.77 12.07 0.42
C LEU B 243 -3.45 10.99 -0.39
N ALA B 244 -2.77 9.86 -0.58
CA ALA B 244 -3.29 8.76 -1.37
C ALA B 244 -4.09 7.83 -0.48
N GLY B 245 -5.34 7.55 -0.88
CA GLY B 245 -6.18 6.58 -0.17
C GLY B 245 -5.66 5.17 -0.32
N SER B 246 -5.99 4.32 0.65
CA SER B 246 -5.57 2.92 0.61
C SER B 246 -6.71 2.06 1.09
N ILE B 247 -6.69 0.79 0.73
CA ILE B 247 -7.71 -0.15 1.18
C ILE B 247 -7.80 -0.32 2.72
N ARG B 248 -6.79 0.10 3.47
CA ARG B 248 -6.88 0.07 4.95
C ARG B 248 -7.70 1.19 5.56
N ASP B 249 -8.03 2.25 4.80
CA ASP B 249 -8.81 3.40 5.31
C ASP B 249 -10.33 3.16 5.47
N ASP B 250 -10.81 3.02 6.70
CA ASP B 250 -12.29 3.05 6.94
C ASP B 250 -12.86 4.49 7.06
N GLY B 251 -11.96 5.42 7.43
CA GLY B 251 -12.32 6.82 7.59
C GLY B 251 -11.39 7.77 6.90
N PRO B 252 -11.37 7.77 5.54
CA PRO B 252 -10.43 8.68 4.93
C PRO B 252 -11.02 10.07 5.11
N ILE B 253 -10.19 11.06 5.38
CA ILE B 253 -10.65 12.44 5.44
C ILE B 253 -10.88 12.99 4.04
N PRO B 254 -11.62 14.11 3.94
CA PRO B 254 -12.00 14.53 2.58
C PRO B 254 -10.82 14.84 1.65
N ASP B 255 -9.66 15.23 2.19
CA ASP B 255 -8.51 15.53 1.34
C ASP B 255 -7.92 14.31 0.59
N VAL B 256 -8.27 13.11 1.01
CA VAL B 256 -7.65 11.88 0.49
C VAL B 256 -8.15 11.59 -0.93
N ILE B 257 -7.23 11.28 -1.84
CA ILE B 257 -7.56 10.84 -3.19
C ILE B 257 -7.72 9.33 -3.15
N THR B 258 -8.95 8.85 -3.32
CA THR B 258 -9.23 7.43 -3.18
C THR B 258 -8.85 6.58 -4.42
N ASP B 259 -8.74 7.20 -5.59
CA ASP B 259 -8.37 6.42 -6.77
C ASP B 259 -6.85 6.37 -6.90
N SER B 260 -6.29 5.17 -6.91
CA SER B 260 -4.84 5.08 -6.89
C SER B 260 -4.16 5.62 -8.12
N MSE B 261 -4.81 5.54 -9.29
CA MSE B 261 -4.15 6.08 -10.50
C MSE B 261 -4.19 7.63 -10.57
O MSE B 261 -3.20 8.28 -10.96
CB MSE B 261 -4.70 5.39 -11.77
CG MSE B 261 -4.42 3.85 -11.82
SE MSE B 261 -2.46 3.46 -11.71
CE MSE B 261 -2.22 3.14 -9.75
N VAL B 262 -5.29 8.22 -10.14
CA VAL B 262 -5.38 9.67 -10.00
C VAL B 262 -4.31 10.13 -8.99
N ALA B 263 -4.20 9.43 -7.86
CA ALA B 263 -3.19 9.78 -6.83
C ALA B 263 -1.80 9.64 -7.41
N GLN B 264 -1.56 8.51 -8.10
CA GLN B 264 -0.25 8.28 -8.72
C GLN B 264 0.18 9.41 -9.68
N ASP B 265 -0.73 9.81 -10.57
CA ASP B 265 -0.45 10.87 -11.56
C ASP B 265 -0.11 12.19 -10.89
N LYS B 266 -0.85 12.54 -9.84
CA LYS B 266 -0.58 13.75 -9.06
C LYS B 266 0.77 13.68 -8.33
N MSE B 267 1.10 12.51 -7.77
CA MSE B 267 2.41 12.29 -7.14
C MSE B 267 3.54 12.47 -8.13
O MSE B 267 4.57 13.07 -7.82
CB MSE B 267 2.46 10.89 -6.54
CG MSE B 267 1.58 10.75 -5.31
SE MSE B 267 1.42 8.86 -4.75
CE MSE B 267 3.31 8.57 -4.26
N ARG B 268 3.36 11.94 -9.34
CA ARG B 268 4.42 12.03 -10.35
C ARG B 268 4.76 13.48 -10.68
N THR B 269 3.74 14.28 -10.97
CA THR B 269 3.97 15.67 -11.35
C THR B 269 4.52 16.46 -10.16
N THR B 270 4.12 16.07 -8.95
CA THR B 270 4.62 16.71 -7.71
C THR B 270 6.12 16.48 -7.47
N VAL B 271 6.63 15.26 -7.70
CA VAL B 271 8.03 14.95 -7.40
C VAL B 271 9.01 15.22 -8.52
N MSE B 272 8.53 15.16 -9.77
CA MSE B 272 9.46 15.04 -10.88
C MSE B 272 10.34 16.28 -11.09
O MSE B 272 11.36 16.21 -11.78
CB MSE B 272 8.76 14.60 -12.16
CG MSE B 272 7.96 15.69 -12.79
SE MSE B 272 6.76 15.05 -14.21
CE MSE B 272 6.19 16.85 -14.70
N ASP B 273 9.96 17.41 -10.48
CA ASP B 273 10.78 18.63 -10.57
C ASP B 273 11.59 18.97 -9.30
N LYS B 274 11.55 18.08 -8.31
CA LYS B 274 12.25 18.33 -7.05
C LYS B 274 13.76 18.07 -7.19
N LYS B 275 14.57 18.71 -6.35
CA LYS B 275 16.00 18.41 -6.28
C LYS B 275 16.33 17.22 -5.34
N MSE B 276 15.47 16.97 -4.38
CA MSE B 276 15.69 15.90 -3.39
C MSE B 276 14.36 15.33 -2.90
O MSE B 276 13.40 16.08 -2.70
CB MSE B 276 16.50 16.41 -2.19
CG MSE B 276 16.77 15.35 -1.08
SE MSE B 276 17.88 16.23 0.32
CE MSE B 276 19.21 14.85 0.69
N VAL B 277 14.33 14.03 -2.66
CA VAL B 277 13.15 13.40 -2.08
C VAL B 277 13.63 12.60 -0.87
N ILE B 278 13.05 12.87 0.29
CA ILE B 278 13.40 12.14 1.51
C ILE B 278 12.20 11.27 1.90
N MSE B 279 12.42 9.97 1.97
CA MSE B 279 11.34 9.02 2.24
C MSE B 279 11.50 8.57 3.67
O MSE B 279 12.60 8.14 4.04
CB MSE B 279 11.49 7.79 1.32
CG MSE B 279 11.36 8.15 -0.15
SE MSE B 279 12.33 6.79 -1.20
CE MSE B 279 11.72 7.51 -2.95
N LEU B 280 10.43 8.67 4.47
CA LEU B 280 10.52 8.45 5.93
C LEU B 280 9.54 7.37 6.39
N SER B 281 10.08 6.18 6.68
CA SER B 281 9.29 5.10 7.29
C SER B 281 7.98 4.75 6.53
N THR B 282 8.11 4.41 5.26
CA THR B 282 6.94 3.99 4.51
C THR B 282 7.40 3.15 3.33
N LEU B 283 7.14 1.86 3.39
CA LEU B 283 7.45 0.98 2.28
C LEU B 283 6.61 1.33 1.05
N LEU B 284 5.30 1.43 1.25
CA LEU B 284 4.35 1.68 0.17
C LEU B 284 4.70 2.93 -0.62
N HIS B 285 4.84 4.05 0.09
CA HIS B 285 5.13 5.31 -0.56
C HIS B 285 6.55 5.46 -1.05
N SER B 286 7.52 4.84 -0.39
CA SER B 286 8.90 4.88 -0.89
C SER B 286 8.97 4.27 -2.30
N VAL B 287 8.45 3.06 -2.41
CA VAL B 287 8.45 2.33 -3.69
C VAL B 287 7.55 3.02 -4.72
N ALA B 288 6.35 3.46 -4.30
CA ALA B 288 5.44 4.15 -5.23
C ALA B 288 6.12 5.39 -5.78
N THR B 289 6.79 6.16 -4.92
CA THR B 289 7.44 7.41 -5.36
C THR B 289 8.70 7.14 -6.17
N GLY B 290 9.53 6.20 -5.71
CA GLY B 290 10.72 5.87 -6.46
C GLY B 290 10.38 5.43 -7.89
N ASN B 291 9.29 4.67 -8.02
CA ASN B 291 8.82 4.20 -9.35
C ASN B 291 8.51 5.36 -10.31
N LEU B 292 8.21 6.54 -9.75
CA LEU B 292 7.82 7.73 -10.51
C LEU B 292 8.95 8.70 -10.75
N MSE B 293 10.11 8.42 -10.17
CA MSE B 293 11.22 9.39 -10.15
C MSE B 293 12.35 9.10 -11.11
O MSE B 293 12.76 7.94 -11.22
CB MSE B 293 11.83 9.41 -8.74
CG MSE B 293 10.99 10.13 -7.70
SE MSE B 293 11.87 9.77 -5.94
CE MSE B 293 13.59 10.60 -6.32
N PRO B 294 12.91 10.13 -11.75
CA PRO B 294 14.15 9.93 -12.50
C PRO B 294 15.34 9.78 -11.55
N SER B 295 16.41 9.14 -12.02
CA SER B 295 17.58 8.83 -11.19
C SER B 295 18.40 10.04 -10.75
N TYR B 296 18.21 11.20 -11.41
CA TYR B 296 19.03 12.36 -11.06
C TYR B 296 18.55 13.12 -9.81
N ILE B 297 17.38 12.79 -9.27
CA ILE B 297 16.90 13.46 -8.06
C ILE B 297 17.56 12.75 -6.87
N LYS B 298 18.19 13.52 -5.99
CA LYS B 298 18.79 12.96 -4.79
C LYS B 298 17.68 12.24 -3.95
N THR B 299 17.90 10.98 -3.63
CA THR B 299 16.87 10.14 -3.03
C THR B 299 17.44 9.58 -1.73
N VAL B 300 16.75 9.82 -0.62
CA VAL B 300 17.20 9.33 0.70
C VAL B 300 16.05 8.52 1.30
N CYS B 301 16.33 7.27 1.66
CA CYS B 301 15.28 6.41 2.21
C CYS B 301 15.66 6.01 3.62
N VAL B 302 14.87 6.49 4.55
CA VAL B 302 15.08 6.31 5.99
C VAL B 302 14.05 5.32 6.54
N ASP B 303 14.52 4.20 7.10
CA ASP B 303 13.57 3.31 7.75
C ASP B 303 14.29 2.50 8.79
N ILE B 304 13.56 1.98 9.75
CA ILE B 304 14.21 1.11 10.75
C ILE B 304 14.45 -0.32 10.23
N GLN B 305 13.75 -0.70 9.14
CA GLN B 305 13.84 -2.05 8.56
C GLN B 305 14.74 -2.01 7.34
N PRO B 306 15.91 -2.70 7.40
CA PRO B 306 16.75 -2.67 6.19
C PRO B 306 16.03 -3.28 4.97
N SER B 307 15.17 -4.26 5.19
CA SER B 307 14.46 -4.87 4.07
C SER B 307 13.61 -3.85 3.26
N THR B 308 13.14 -2.78 3.91
CA THR B 308 12.43 -1.73 3.19
C THR B 308 13.30 -1.00 2.16
N VAL B 309 14.51 -0.62 2.56
CA VAL B 309 15.40 0.08 1.66
C VAL B 309 15.82 -0.89 0.55
N THR B 310 16.08 -2.14 0.92
CA THR B 310 16.49 -3.13 -0.10
C THR B 310 15.35 -3.37 -1.13
N LYS B 311 14.10 -3.43 -0.66
CA LYS B 311 12.94 -3.60 -1.57
C LYS B 311 12.88 -2.45 -2.57
N LEU B 312 13.12 -1.26 -2.06
CA LEU B 312 13.13 -0.08 -2.91
C LEU B 312 14.17 -0.17 -4.01
N MSE B 313 15.40 -0.49 -3.63
CA MSE B 313 16.49 -0.59 -4.59
C MSE B 313 16.32 -1.77 -5.55
O MSE B 313 16.62 -1.63 -6.74
CB MSE B 313 17.84 -0.64 -3.89
CG MSE B 313 18.06 0.61 -3.03
SE MSE B 313 19.77 0.46 -2.13
CE MSE B 313 20.96 1.04 -3.63
N ASP B 314 15.80 -2.88 -5.03
CA ASP B 314 15.45 -4.03 -5.88
C ASP B 314 14.40 -3.75 -6.96
N ARG B 315 13.55 -2.74 -6.74
CA ARG B 315 12.52 -2.38 -7.70
C ARG B 315 12.93 -1.18 -8.59
N GLY B 316 14.22 -0.88 -8.66
CA GLY B 316 14.72 0.05 -9.68
C GLY B 316 15.31 1.34 -9.20
N THR B 317 14.97 1.76 -7.97
CA THR B 317 15.44 2.99 -7.40
C THR B 317 16.83 2.76 -6.79
N SER B 318 17.78 2.48 -7.67
CA SER B 318 19.12 2.08 -7.25
C SER B 318 19.98 3.29 -6.83
N GLN B 319 19.53 4.51 -7.14
CA GLN B 319 20.21 5.73 -6.66
C GLN B 319 19.95 6.08 -5.17
N ALA B 320 19.05 5.35 -4.53
CA ALA B 320 18.65 5.67 -3.16
C ALA B 320 19.84 5.55 -2.21
N ILE B 321 19.92 6.49 -1.29
CA ILE B 321 20.89 6.41 -0.18
C ILE B 321 20.08 5.86 1.00
N GLY B 322 20.41 4.69 1.52
CA GLY B 322 19.58 4.17 2.58
C GLY B 322 20.15 4.59 3.91
N VAL B 323 19.28 4.98 4.83
CA VAL B 323 19.69 5.29 6.22
C VAL B 323 18.82 4.36 7.09
N VAL B 324 19.41 3.29 7.60
CA VAL B 324 18.64 2.31 8.42
C VAL B 324 18.75 2.80 9.89
N THR B 325 17.66 3.42 10.35
CA THR B 325 17.73 4.08 11.65
C THR B 325 16.32 4.30 12.18
N ASP B 326 16.22 4.83 13.39
CA ASP B 326 14.93 5.14 14.01
C ASP B 326 14.50 6.49 13.46
N VAL B 327 13.36 6.54 12.76
CA VAL B 327 12.96 7.76 12.10
C VAL B 327 12.66 8.90 13.09
N GLY B 328 12.08 8.57 14.25
CA GLY B 328 11.70 9.58 15.23
C GLY B 328 12.92 10.26 15.84
N VAL B 329 13.96 9.50 16.17
CA VAL B 329 15.20 10.06 16.67
C VAL B 329 15.95 10.79 15.56
N PHE B 330 16.06 10.16 14.40
CA PHE B 330 16.62 10.79 13.23
C PHE B 330 16.06 12.19 12.95
N LEU B 331 14.72 12.32 12.92
CA LEU B 331 14.10 13.63 12.66
C LEU B 331 14.44 14.67 13.72
N VAL B 332 14.51 14.24 14.97
CA VAL B 332 14.83 15.18 16.10
C VAL B 332 16.26 15.69 15.96
N LEU B 333 17.18 14.77 15.69
CA LEU B 333 18.58 15.14 15.46
C LEU B 333 18.80 15.96 14.18
N LEU B 334 18.12 15.58 13.10
CA LEU B 334 18.20 16.32 11.85
C LEU B 334 17.78 17.80 12.05
N LEU B 335 16.65 18.02 12.69
CA LEU B 335 16.19 19.38 12.98
C LEU B 335 17.26 20.19 13.76
N LYS B 336 17.84 19.59 14.81
CA LYS B 336 18.88 20.28 15.58
C LYS B 336 20.03 20.70 14.67
N GLU B 337 20.41 19.85 13.72
CA GLU B 337 21.52 20.14 12.83
C GLU B 337 21.16 21.29 11.84
N LEU B 338 19.92 21.26 11.31
CA LEU B 338 19.39 22.35 10.47
C LEU B 338 19.38 23.69 11.26
N GLU B 339 18.93 23.66 12.51
CA GLU B 339 18.96 24.85 13.37
C GLU B 339 20.39 25.36 13.62
N ARG B 340 21.34 24.44 13.81
CA ARG B 340 22.77 24.79 13.93
C ARG B 340 23.29 25.54 12.68
N LEU B 341 23.02 24.99 11.49
CA LEU B 341 23.38 25.62 10.22
C LEU B 341 22.74 27.00 10.01
N GLU B 342 21.48 27.16 10.40
CA GLU B 342 20.79 28.44 10.26
C GLU B 342 21.42 29.52 11.14
N LEU B 343 21.94 29.12 12.30
CA LEU B 343 22.68 30.02 13.17
C LEU B 343 24.11 30.14 12.68
NI NI C . -6.59 -18.06 19.27
N1 IMD D . 9.06 -14.28 2.64
C2 IMD D . 7.96 -14.27 3.49
N3 IMD D . 7.51 -12.99 3.76
C4 IMD D . 8.34 -12.19 3.02
C5 IMD D . 9.30 -12.98 2.33
N1 IMD E . -14.30 4.14 13.88
C2 IMD E . -14.05 3.81 15.17
N3 IMD E . -15.22 3.82 15.84
C4 IMD E . -16.20 4.16 14.98
C5 IMD E . -15.61 4.37 13.75
N1 IMD F . 11.23 3.77 14.06
C2 IMD F . 11.64 4.32 12.89
N3 IMD F . 10.85 3.83 11.92
C4 IMD F . 9.89 3.03 12.48
C5 IMD F . 10.14 2.96 13.84
N1 IMD G . 17.99 0.79 -21.93
C2 IMD G . 17.47 -0.15 -21.10
N3 IMD G . 18.39 -1.15 -20.94
C4 IMD G . 19.45 -0.86 -21.73
C5 IMD G . 19.20 0.35 -22.35
#